data_8RMI
#
_entry.id   8RMI
#
_cell.length_a   93.515
_cell.length_b   93.515
_cell.length_c   177.817
_cell.angle_alpha   90.00
_cell.angle_beta   90.00
_cell.angle_gamma   120.00
#
_symmetry.space_group_name_H-M   'P 32 2 1'
#
loop_
_entity.id
_entity.type
_entity.pdbx_description
1 polymer 'Ferrioxamine receptor FoxA'
2 non-polymer 'octyl beta-D-glucopyranoside'
3 non-polymer '[1-[2-[2-[2-[2-[2-(dipyridin-2-ylamino)ethanoylamino]ethoxy]ethoxy]ethoxy]ethyl]-1,2,3-triazol-4-yl]methyl ~{N}-[5-[[4-[5-[[4-[5-[ethanoyl(oxidanyl)amino]pentylamino]-4-oxidanylidene-butanoyl]-oxidanyl-amino]pentylamino]-4-oxidanylidene-butanoyl]-oxidanyl-amino]pentyl]carbamate'
4 non-polymer GLYCEROL
5 non-polymer 'AMMONIUM ION'
6 non-polymer 'FE (III) ION'
7 non-polymer 'SULFATE ION'
8 non-polymer 'SODIUM ION'
9 water water
#
_entity_poly.entity_id   1
_entity_poly.type   'polypeptide(L)'
_entity_poly.pdbx_seq_one_letter_code
;MTATAVVLRNAPSSLDFPRASRLSRSVRAALLSLAMAAGAAPLCASAAEAAAEQARPYAIPAGQLGDVLNRFAREAGITL
SATPAQTGGYSSQGLRGSFTVQQGLARLLADTPLEAEDQGDGSFVLREAPAKDGDVLNMQAVEVFALGNNLGSTDGYLAT
HSQIATKTSKPLLETSQTVSVITREQIDDTASKTVQQAMRYTPGIFTGQVGASNRYDYVVMRGFADNSVDNIYLDGLKAM
GDSGTFSSMQVDPYFLERIDVLKGPSSVLYGRSLPGGLVALTSKKPLYEDYRQITGSIGNMGQKEMGFDFSGPLDEEKRI
AYRLIGLGKGSDTQFDHVKEERYAIAPTLAIDFSDDTTLTLQGYLQHDPNGGYHGGVPADGTLSHHNGRHISREFFDGEP
SKDDFDRTQRMFGYQLEHRIDDVWSARQNFRYLDSDVDLSQVYAYGWSASEPNKLNRYFSGAREHLQAYIVDNMLQAEFA
TGAARHTLLTGLDYQRRRTVVDWRSGSASALDAFNPVYGDDAISYFPDDNHTRRLEQTGVYLQDLIDIDQWRFSLGLRQD
WVSVTDKNRSTGSKADDDWEKFTGRIGALYLFDNGLAPYVSYSESFNPNAYSDASGTPLAPTEGKQWELGLKFQAPGSNS
FYTASLFHITQENVASKEPQDNFYTSVGEVRSQGLELEAHTQLSDNLKLLGSYTYTDITYTKSLDGNQGHTPNQAPKHMA
SLWADYAFDAGPLSGLSIGGGARYVGETWADKENTLRVPDYTLVDARIGYDLGKLGLKGLDVSLNANNLLDKDYVASCYS
LDFCYFGEKRNVTATVNYQF
;
_entity_poly.pdbx_strand_id   A
#
# COMPACT_ATOMS: atom_id res chain seq x y z
N VAL A 144 -23.04 -11.38 15.60
CA VAL A 144 -22.03 -11.10 14.52
C VAL A 144 -20.63 -11.32 15.09
N PHE A 145 -19.63 -11.61 14.23
CA PHE A 145 -18.34 -12.14 14.69
C PHE A 145 -17.23 -11.08 14.63
N ALA A 146 -16.82 -10.56 15.81
CA ALA A 146 -15.91 -9.42 15.90
C ALA A 146 -14.45 -9.74 15.52
N LEU A 147 -13.98 -10.93 15.90
CA LEU A 147 -12.59 -11.33 15.81
C LEU A 147 -12.17 -11.37 14.35
N GLY A 148 -11.19 -10.51 14.04
CA GLY A 148 -10.62 -10.42 12.72
C GLY A 148 -11.51 -9.76 11.67
N ASN A 149 -12.66 -9.16 12.05
CA ASN A 149 -13.55 -8.52 11.10
C ASN A 149 -13.67 -7.05 11.44
N ASN A 150 -13.86 -6.22 10.42
CA ASN A 150 -14.06 -4.77 10.64
C ASN A 150 -15.47 -4.58 11.17
N LEU A 151 -16.45 -5.24 10.55
CA LEU A 151 -17.87 -5.19 11.01
C LEU A 151 -18.32 -3.73 11.09
N GLY A 152 -17.69 -2.88 10.30
CA GLY A 152 -18.03 -1.46 10.40
C GLY A 152 -19.07 -1.09 9.39
N SER A 153 -20.00 -0.23 9.77
CA SER A 153 -20.94 0.30 8.75
C SER A 153 -20.16 1.25 7.85
N THR A 154 -20.55 1.38 6.59
CA THR A 154 -19.92 2.38 5.70
C THR A 154 -21.03 3.14 5.02
N ASP A 155 -20.90 4.46 4.91
CA ASP A 155 -21.88 5.29 4.27
C ASP A 155 -21.11 6.34 3.46
N GLY A 156 -21.22 6.24 2.13
CA GLY A 156 -20.45 7.06 1.23
C GLY A 156 -18.97 6.73 1.39
N TYR A 157 -18.16 7.73 1.77
CA TYR A 157 -16.71 7.56 1.95
C TYR A 157 -16.27 7.31 3.40
N LEU A 158 -17.21 7.12 4.33
CA LEU A 158 -16.88 7.01 5.76
C LEU A 158 -17.25 5.63 6.27
N ALA A 159 -16.27 4.93 6.88
CA ALA A 159 -16.53 3.73 7.66
C ALA A 159 -16.62 4.08 9.14
N THR A 160 -17.30 3.25 9.92
CA THR A 160 -17.45 3.49 11.36
C THR A 160 -16.48 2.64 12.16
N HIS A 161 -16.12 1.46 11.64
CA HIS A 161 -15.28 0.54 12.45
C HIS A 161 -14.14 -0.08 11.65
N SER A 162 -13.14 -0.59 12.36
CA SER A 162 -12.04 -1.32 11.76
C SER A 162 -11.55 -2.35 12.75
N GLN A 163 -10.84 -3.34 12.21
CA GLN A 163 -10.03 -4.26 13.01
C GLN A 163 -8.53 -4.12 12.77
N ILE A 164 -8.09 -3.17 11.94
CA ILE A 164 -6.68 -3.07 11.58
C ILE A 164 -5.81 -2.83 12.82
N ALA A 165 -6.28 -2.01 13.77
CA ALA A 165 -5.47 -1.63 14.92
C ALA A 165 -5.57 -2.62 16.07
N THR A 166 -6.52 -3.57 16.00
CA THR A 166 -6.90 -4.39 17.16
C THR A 166 -7.08 -5.88 16.86
N LYS A 167 -7.18 -6.30 15.59
CA LYS A 167 -7.57 -7.67 15.21
C LYS A 167 -8.97 -8.10 15.68
N THR A 168 -9.83 -7.13 16.04
CA THR A 168 -11.20 -7.37 16.44
C THR A 168 -11.98 -6.08 16.22
N SER A 169 -13.21 -6.17 15.70
CA SER A 169 -14.03 -5.01 15.38
C SER A 169 -14.02 -3.99 16.51
N LYS A 170 -13.65 -2.75 16.21
CA LYS A 170 -13.69 -1.69 17.19
C LYS A 170 -14.12 -0.42 16.45
N PRO A 171 -15.04 0.41 17.02
CA PRO A 171 -15.30 1.73 16.46
C PRO A 171 -14.01 2.50 16.28
N LEU A 172 -13.88 3.17 15.12
CA LEU A 172 -12.79 4.11 14.90
C LEU A 172 -12.72 5.12 16.07
N LEU A 173 -13.89 5.55 16.56
CA LEU A 173 -13.94 6.56 17.59
C LEU A 173 -13.30 6.10 18.91
N GLU A 174 -13.31 4.79 19.16
CA GLU A 174 -12.83 4.23 20.42
C GLU A 174 -11.48 3.50 20.26
N THR A 175 -10.76 3.77 19.14
CA THR A 175 -9.47 3.17 18.84
C THR A 175 -8.39 4.23 19.02
N SER A 176 -7.38 3.95 19.89
CA SER A 176 -6.31 4.89 20.24
C SER A 176 -5.15 4.85 19.25
N GLN A 177 -5.46 4.94 17.95
CA GLN A 177 -4.47 4.98 16.89
C GLN A 177 -5.08 5.72 15.72
N THR A 178 -4.25 6.19 14.80
CA THR A 178 -4.76 6.87 13.61
C THR A 178 -5.12 5.80 12.60
N VAL A 179 -6.39 5.71 12.23
CA VAL A 179 -6.86 4.75 11.25
C VAL A 179 -7.66 5.51 10.19
N SER A 180 -7.35 5.28 8.92
CA SER A 180 -8.17 5.77 7.82
C SER A 180 -8.79 4.58 7.10
N VAL A 181 -9.92 4.81 6.45
CA VAL A 181 -10.61 3.79 5.68
C VAL A 181 -11.01 4.42 4.35
N ILE A 182 -10.67 3.71 3.29
CA ILE A 182 -10.98 4.12 1.93
C ILE A 182 -11.96 3.09 1.41
N THR A 183 -13.19 3.57 1.12
CA THR A 183 -14.27 2.68 0.75
C THR A 183 -14.19 2.34 -0.73
N ARG A 184 -14.93 1.29 -1.08
CA ARG A 184 -15.17 0.90 -2.45
C ARG A 184 -15.62 2.11 -3.28
N GLU A 185 -16.54 2.90 -2.73
CA GLU A 185 -17.14 4.03 -3.41
C GLU A 185 -16.11 5.10 -3.72
N GLN A 186 -15.22 5.37 -2.76
CA GLN A 186 -14.13 6.30 -2.99
C GLN A 186 -13.20 5.80 -4.09
N ILE A 187 -12.90 4.51 -4.09
CA ILE A 187 -12.02 3.97 -5.10
C ILE A 187 -12.66 4.19 -6.47
N ASP A 188 -13.94 3.81 -6.62
CA ASP A 188 -14.64 3.92 -7.88
C ASP A 188 -14.81 5.37 -8.33
N ASP A 189 -15.27 6.24 -7.43
CA ASP A 189 -15.51 7.65 -7.74
C ASP A 189 -14.25 8.40 -8.17
N THR A 190 -13.10 8.13 -7.55
CA THR A 190 -11.84 8.79 -7.93
C THR A 190 -11.17 8.07 -9.11
N ALA A 191 -11.67 6.92 -9.57
CA ALA A 191 -11.04 6.12 -10.60
C ALA A 191 -9.60 5.80 -10.21
N SER A 192 -9.41 5.29 -8.99
CA SER A 192 -8.09 4.90 -8.54
C SER A 192 -7.80 3.55 -9.15
N LYS A 193 -6.74 3.45 -9.95
CA LYS A 193 -6.48 2.28 -10.76
C LYS A 193 -5.59 1.28 -10.02
N THR A 194 -4.86 1.71 -8.96
CA THR A 194 -4.06 0.86 -8.10
C THR A 194 -4.32 1.21 -6.64
N VAL A 195 -3.86 0.32 -5.75
CA VAL A 195 -3.91 0.57 -4.32
C VAL A 195 -3.17 1.86 -3.99
N GLN A 196 -2.01 2.03 -4.58
CA GLN A 196 -1.23 3.23 -4.35
C GLN A 196 -2.04 4.47 -4.72
N GLN A 197 -2.68 4.45 -5.90
CA GLN A 197 -3.47 5.59 -6.34
C GLN A 197 -4.67 5.81 -5.41
N ALA A 198 -5.26 4.75 -4.85
CA ALA A 198 -6.37 4.89 -3.93
C ALA A 198 -6.06 5.74 -2.69
N MET A 199 -4.78 5.86 -2.33
CA MET A 199 -4.37 6.53 -1.12
C MET A 199 -4.17 8.03 -1.29
N ARG A 200 -4.30 8.55 -2.51
CA ARG A 200 -3.90 9.92 -2.79
C ARG A 200 -4.73 10.99 -2.06
N TYR A 201 -5.89 10.63 -1.48
CA TYR A 201 -6.68 11.55 -0.69
C TYR A 201 -6.51 11.32 0.81
N THR A 202 -5.55 10.50 1.26
CA THR A 202 -5.42 10.16 2.66
C THR A 202 -4.24 10.92 3.25
N PRO A 203 -4.35 11.52 4.45
CA PRO A 203 -3.24 12.22 5.09
C PRO A 203 -2.15 11.25 5.50
N GLY A 204 -0.93 11.77 5.59
CA GLY A 204 0.25 11.02 6.04
C GLY A 204 0.77 9.99 5.04
N ILE A 205 0.32 10.05 3.79
CA ILE A 205 0.67 9.09 2.76
C ILE A 205 1.20 9.89 1.59
N PHE A 206 2.41 9.58 1.09
CA PHE A 206 2.92 10.10 -0.16
C PHE A 206 2.81 9.01 -1.24
N THR A 207 2.18 9.36 -2.38
CA THR A 207 1.82 8.46 -3.47
C THR A 207 2.78 8.59 -4.65
N GLY A 208 3.93 9.29 -4.55
CA GLY A 208 4.73 9.62 -5.73
C GLY A 208 6.12 8.97 -5.83
N GLN A 209 6.40 7.89 -5.09
CA GLN A 209 7.76 7.38 -4.94
C GLN A 209 8.45 7.02 -6.27
N VAL A 210 7.69 6.47 -7.22
CA VAL A 210 8.24 6.20 -8.53
C VAL A 210 7.30 6.79 -9.57
N GLY A 211 6.69 7.94 -9.25
CA GLY A 211 5.82 8.69 -10.13
C GLY A 211 4.76 7.82 -10.78
N ALA A 212 4.66 7.89 -12.11
CA ALA A 212 3.59 7.26 -12.87
C ALA A 212 3.61 5.73 -12.92
N SER A 213 4.68 5.06 -12.44
CA SER A 213 4.76 3.60 -12.46
C SER A 213 3.55 2.93 -11.77
N ASN A 214 2.96 1.88 -12.41
CA ASN A 214 1.94 1.03 -11.80
C ASN A 214 2.40 -0.41 -11.56
N ARG A 215 3.72 -0.66 -11.54
CA ARG A 215 4.21 -2.01 -11.40
C ARG A 215 4.08 -2.51 -9.96
N TYR A 216 4.46 -1.68 -9.00
CA TYR A 216 4.35 -2.03 -7.61
C TYR A 216 3.55 -0.93 -6.89
N ASP A 217 3.02 -1.27 -5.72
CA ASP A 217 2.36 -0.32 -4.85
C ASP A 217 3.31 0.14 -3.76
N TYR A 218 3.76 1.38 -3.92
CA TYR A 218 4.63 2.07 -2.98
C TYR A 218 3.82 3.07 -2.16
N VAL A 219 3.70 2.81 -0.85
CA VAL A 219 2.88 3.64 0.04
C VAL A 219 3.80 4.17 1.10
N VAL A 220 4.19 5.42 0.97
CA VAL A 220 5.11 6.04 1.92
C VAL A 220 4.26 6.63 3.04
N MET A 221 4.52 6.17 4.26
CA MET A 221 3.72 6.50 5.42
C MET A 221 4.57 7.28 6.40
N ARG A 222 4.14 8.50 6.76
CA ARG A 222 4.83 9.36 7.71
C ARG A 222 6.29 9.57 7.34
N GLY A 223 6.53 9.62 6.01
CA GLY A 223 7.83 9.88 5.46
C GLY A 223 8.80 8.71 5.37
N PHE A 224 8.36 7.47 5.69
CA PHE A 224 9.27 6.32 5.63
C PHE A 224 9.15 5.67 4.25
N ALA A 225 10.12 5.95 3.38
CA ALA A 225 10.13 5.49 2.00
C ALA A 225 10.80 4.12 1.84
N ASP A 226 11.80 3.81 2.69
CA ASP A 226 12.57 2.57 2.60
C ASP A 226 11.71 1.37 2.97
N ASN A 227 11.69 0.35 2.11
CA ASN A 227 10.86 -0.84 2.23
C ASN A 227 9.37 -0.50 2.17
N SER A 228 8.97 0.60 1.52
CA SER A 228 7.57 1.01 1.36
C SER A 228 6.71 -0.02 0.61
N VAL A 229 7.34 -0.85 -0.24
CA VAL A 229 6.67 -1.96 -0.88
C VAL A 229 6.16 -3.02 0.09
N ASP A 230 6.71 -3.08 1.30
CA ASP A 230 6.37 -4.14 2.23
C ASP A 230 5.36 -3.72 3.32
N ASN A 231 4.60 -2.66 3.07
CA ASN A 231 3.58 -2.17 3.98
C ASN A 231 2.21 -2.83 3.79
N ILE A 232 2.04 -3.77 2.84
CA ILE A 232 0.71 -4.22 2.45
C ILE A 232 0.39 -5.53 3.15
N TYR A 233 -0.81 -5.58 3.74
CA TYR A 233 -1.44 -6.75 4.31
C TYR A 233 -2.70 -6.99 3.51
N LEU A 234 -3.07 -8.25 3.32
CA LEU A 234 -4.28 -8.61 2.62
C LEU A 234 -5.04 -9.60 3.51
N ASP A 235 -6.30 -9.30 3.81
CA ASP A 235 -7.14 -10.16 4.63
C ASP A 235 -6.45 -10.55 5.95
N GLY A 236 -5.93 -9.53 6.63
CA GLY A 236 -5.28 -9.70 7.92
C GLY A 236 -3.88 -10.29 7.86
N LEU A 237 -3.30 -10.53 6.66
CA LEU A 237 -2.07 -11.30 6.51
C LEU A 237 -1.07 -10.52 5.65
N LYS A 238 0.17 -10.39 6.14
CA LYS A 238 1.29 -9.85 5.37
C LYS A 238 1.31 -10.43 3.96
N ALA A 239 1.49 -9.58 2.95
CA ALA A 239 1.41 -10.01 1.54
C ALA A 239 2.45 -11.09 1.20
N MET A 240 3.63 -11.03 1.84
CA MET A 240 4.71 -12.02 1.79
C MET A 240 5.55 -11.88 0.53
N GLY A 241 5.53 -10.72 -0.15
CA GLY A 241 6.57 -10.37 -1.11
C GLY A 241 7.96 -10.32 -0.45
N ASP A 242 9.01 -10.35 -1.28
CA ASP A 242 10.38 -10.21 -0.81
C ASP A 242 10.93 -8.90 -1.33
N SER A 243 11.05 -7.93 -0.43
CA SER A 243 11.44 -6.57 -0.80
C SER A 243 12.92 -6.45 -1.16
N GLY A 244 13.73 -7.50 -0.88
CA GLY A 244 15.08 -7.60 -1.41
C GLY A 244 15.18 -8.21 -2.80
N THR A 245 14.05 -8.37 -3.50
CA THR A 245 14.01 -8.94 -4.84
C THR A 245 13.01 -8.16 -5.67
N PHE A 246 12.84 -8.60 -6.90
CA PHE A 246 11.76 -8.08 -7.73
C PHE A 246 10.40 -8.70 -7.42
N SER A 247 10.32 -9.73 -6.55
CA SER A 247 9.06 -10.42 -6.28
C SER A 247 8.26 -9.73 -5.17
N SER A 248 7.73 -8.53 -5.47
CA SER A 248 6.69 -7.90 -4.68
C SER A 248 5.38 -8.04 -5.47
N MET A 249 4.33 -8.35 -4.72
CA MET A 249 3.06 -8.65 -5.37
C MET A 249 2.19 -7.40 -5.44
N GLN A 250 1.19 -7.46 -6.29
CA GLN A 250 0.26 -6.36 -6.47
C GLN A 250 -1.15 -6.94 -6.43
N VAL A 251 -2.01 -6.34 -5.58
CA VAL A 251 -3.42 -6.69 -5.50
C VAL A 251 -4.22 -5.66 -6.30
N ASP A 252 -5.04 -6.18 -7.22
CA ASP A 252 -5.83 -5.32 -8.06
C ASP A 252 -7.00 -4.78 -7.25
N PRO A 253 -7.25 -3.44 -7.27
CA PRO A 253 -8.36 -2.85 -6.53
C PRO A 253 -9.76 -3.40 -6.80
N TYR A 254 -9.99 -4.01 -7.97
CA TYR A 254 -11.29 -4.52 -8.32
C TYR A 254 -11.68 -5.68 -7.40
N PHE A 255 -10.73 -6.35 -6.76
CA PHE A 255 -11.03 -7.40 -5.80
C PHE A 255 -11.32 -6.91 -4.38
N LEU A 256 -11.25 -5.60 -4.10
CA LEU A 256 -11.26 -5.07 -2.73
C LEU A 256 -12.59 -4.42 -2.38
N GLU A 257 -13.04 -4.64 -1.14
CA GLU A 257 -14.20 -3.94 -0.59
C GLU A 257 -13.74 -2.63 0.03
N ARG A 258 -12.60 -2.70 0.71
CA ARG A 258 -12.10 -1.51 1.41
C ARG A 258 -10.61 -1.58 1.70
N ILE A 259 -10.00 -0.43 1.93
CA ILE A 259 -8.60 -0.28 2.29
C ILE A 259 -8.54 0.44 3.63
N ASP A 260 -7.87 -0.19 4.61
CA ASP A 260 -7.74 0.34 5.95
C ASP A 260 -6.29 0.71 6.11
N VAL A 261 -6.01 1.80 6.81
CA VAL A 261 -4.66 2.32 6.89
C VAL A 261 -4.39 2.64 8.35
N LEU A 262 -3.36 2.03 8.90
CA LEU A 262 -2.94 2.21 10.28
C LEU A 262 -1.61 2.94 10.27
N LYS A 263 -1.52 4.08 10.99
CA LYS A 263 -0.31 4.88 11.01
C LYS A 263 0.56 4.52 12.19
N GLY A 264 1.85 4.55 11.93
CA GLY A 264 2.84 4.40 12.96
C GLY A 264 3.17 2.95 13.28
N PRO A 265 4.19 2.76 14.15
CA PRO A 265 4.67 1.45 14.52
C PRO A 265 3.53 0.55 14.99
N SER A 266 3.44 -0.66 14.41
CA SER A 266 2.34 -1.57 14.67
C SER A 266 2.73 -3.05 14.75
N SER A 267 3.98 -3.36 15.15
CA SER A 267 4.45 -4.74 15.17
C SER A 267 3.75 -5.58 16.25
N VAL A 268 3.16 -4.96 17.28
CA VAL A 268 2.64 -5.70 18.41
C VAL A 268 1.56 -6.72 18.01
N LEU A 269 0.88 -6.49 16.87
CA LEU A 269 -0.06 -7.46 16.33
C LEU A 269 0.47 -8.19 15.11
N TYR A 270 1.45 -7.63 14.38
CA TYR A 270 1.77 -8.10 13.03
C TYR A 270 3.21 -8.60 12.88
N GLY A 271 4.08 -8.32 13.84
CA GLY A 271 5.49 -8.59 13.69
C GLY A 271 6.16 -7.60 12.75
N ARG A 272 7.07 -8.11 11.91
CA ARG A 272 7.96 -7.26 11.15
C ARG A 272 7.14 -6.31 10.29
N SER A 273 7.47 -5.01 10.40
CA SER A 273 6.78 -3.95 9.68
C SER A 273 7.54 -2.64 9.90
N LEU A 274 7.09 -1.61 9.18
CA LEU A 274 7.83 -0.36 9.10
C LEU A 274 7.29 0.66 10.11
N PRO A 275 8.09 1.68 10.47
CA PRO A 275 7.69 2.67 11.46
C PRO A 275 6.57 3.60 11.02
N GLY A 276 6.31 3.71 9.70
CA GLY A 276 5.25 4.56 9.19
C GLY A 276 3.84 4.03 9.40
N GLY A 277 3.69 2.72 9.56
CA GLY A 277 2.41 2.07 9.65
C GLY A 277 2.27 0.99 8.59
N LEU A 278 1.03 0.64 8.29
CA LEU A 278 0.74 -0.45 7.37
C LEU A 278 -0.68 -0.30 6.78
N VAL A 279 -0.91 -1.02 5.70
CA VAL A 279 -2.14 -0.95 4.94
C VAL A 279 -2.72 -2.36 4.90
N ALA A 280 -4.02 -2.46 5.21
CA ALA A 280 -4.74 -3.72 5.20
C ALA A 280 -5.82 -3.60 4.14
N LEU A 281 -5.73 -4.51 3.16
CA LEU A 281 -6.71 -4.62 2.10
C LEU A 281 -7.72 -5.64 2.56
N THR A 282 -9.01 -5.33 2.41
CA THR A 282 -10.04 -6.32 2.66
C THR A 282 -10.64 -6.70 1.32
N SER A 283 -10.59 -7.99 1.00
CA SER A 283 -11.13 -8.46 -0.27
C SER A 283 -12.65 -8.53 -0.16
N LYS A 284 -13.30 -8.46 -1.32
CA LYS A 284 -14.72 -8.70 -1.43
C LYS A 284 -15.00 -10.13 -0.99
N LYS A 285 -16.11 -10.33 -0.26
CA LYS A 285 -16.50 -11.59 0.33
C LYS A 285 -17.84 -12.02 -0.25
N PRO A 286 -18.22 -13.32 -0.18
CA PRO A 286 -19.53 -13.77 -0.67
C PRO A 286 -20.73 -13.06 -0.04
N LEU A 287 -21.69 -12.70 -0.90
CA LEU A 287 -22.99 -12.16 -0.52
C LEU A 287 -24.09 -13.23 -0.47
N TYR A 288 -25.09 -13.00 0.39
CA TYR A 288 -26.21 -13.92 0.63
C TYR A 288 -27.46 -13.49 -0.12
N GLU A 289 -27.36 -12.49 -1.01
CA GLU A 289 -28.36 -12.27 -2.05
C GLU A 289 -27.63 -12.25 -3.37
N ASP A 290 -28.30 -12.75 -4.42
CA ASP A 290 -27.77 -12.78 -5.76
C ASP A 290 -27.36 -11.36 -6.17
N TYR A 291 -26.14 -11.27 -6.72
CA TYR A 291 -25.52 -10.02 -7.13
C TYR A 291 -24.69 -10.34 -8.36
N ARG A 292 -24.84 -9.53 -9.40
CA ARG A 292 -24.17 -9.75 -10.66
C ARG A 292 -23.80 -8.37 -11.19
N GLN A 293 -22.52 -8.16 -11.48
CA GLN A 293 -22.07 -6.92 -12.07
C GLN A 293 -21.12 -7.27 -13.20
N ILE A 294 -21.32 -6.59 -14.32
CA ILE A 294 -20.39 -6.56 -15.43
C ILE A 294 -20.01 -5.11 -15.58
N THR A 295 -18.75 -4.89 -15.92
CA THR A 295 -18.20 -3.56 -16.05
C THR A 295 -17.26 -3.54 -17.25
N GLY A 296 -17.17 -2.37 -17.89
CA GLY A 296 -16.25 -2.16 -19.00
C GLY A 296 -15.71 -0.74 -18.92
N SER A 297 -14.41 -0.56 -19.15
CA SER A 297 -13.81 0.77 -19.16
C SER A 297 -12.92 0.95 -20.38
N ILE A 298 -12.87 2.18 -20.88
CA ILE A 298 -12.06 2.58 -21.99
C ILE A 298 -11.48 3.94 -21.59
N GLY A 299 -10.22 4.21 -21.93
CA GLY A 299 -9.62 5.49 -21.62
C GLY A 299 -8.63 5.95 -22.70
N ASN A 300 -7.96 7.06 -22.45
CA ASN A 300 -6.77 7.44 -23.23
C ASN A 300 -5.62 6.48 -22.88
N MET A 301 -4.51 6.59 -23.62
CA MET A 301 -3.32 5.76 -23.43
C MET A 301 -3.63 4.28 -23.66
N GLY A 302 -4.59 3.99 -24.56
CA GLY A 302 -4.99 2.64 -24.92
C GLY A 302 -5.51 1.82 -23.74
N GLN A 303 -6.12 2.47 -22.75
CA GLN A 303 -6.62 1.77 -21.57
C GLN A 303 -7.87 1.01 -21.97
N LYS A 304 -7.94 -0.20 -21.41
CA LYS A 304 -9.12 -1.06 -21.63
C LYS A 304 -9.26 -1.98 -20.42
N GLU A 305 -10.46 -2.12 -19.89
CA GLU A 305 -10.75 -3.10 -18.86
C GLU A 305 -12.14 -3.69 -19.09
N MET A 306 -12.26 -4.98 -18.83
CA MET A 306 -13.55 -5.62 -18.61
C MET A 306 -13.44 -6.40 -17.30
N GLY A 307 -14.56 -6.48 -16.57
CA GLY A 307 -14.63 -7.28 -15.35
C GLY A 307 -16.03 -7.80 -15.05
N PHE A 308 -16.09 -8.80 -14.20
CA PHE A 308 -17.37 -9.27 -13.70
C PHE A 308 -17.20 -9.60 -12.23
N ASP A 309 -18.33 -9.57 -11.53
CA ASP A 309 -18.35 -9.78 -10.10
C ASP A 309 -19.69 -10.43 -9.78
N PHE A 310 -19.68 -11.75 -9.56
CA PHE A 310 -20.91 -12.50 -9.33
C PHE A 310 -20.86 -13.08 -7.95
N SER A 311 -21.99 -12.99 -7.23
CA SER A 311 -22.05 -13.47 -5.87
C SER A 311 -23.47 -13.92 -5.57
N GLY A 312 -23.61 -14.81 -4.60
CA GLY A 312 -24.92 -15.20 -4.14
C GLY A 312 -24.92 -16.50 -3.36
N PRO A 313 -26.08 -16.86 -2.77
CA PRO A 313 -26.23 -18.11 -2.02
C PRO A 313 -26.34 -19.25 -3.01
N LEU A 314 -25.94 -20.44 -2.57
CA LEU A 314 -26.01 -21.64 -3.39
C LEU A 314 -27.06 -22.65 -2.94
N ASP A 315 -27.62 -22.45 -1.74
CA ASP A 315 -28.50 -23.40 -1.10
C ASP A 315 -29.78 -22.66 -0.71
N GLU A 316 -30.84 -23.43 -0.50
CA GLU A 316 -32.12 -22.82 -0.09
C GLU A 316 -31.92 -22.14 1.27
N GLU A 317 -31.18 -22.80 2.16
CA GLU A 317 -31.03 -22.27 3.51
C GLU A 317 -30.14 -21.03 3.61
N LYS A 318 -29.45 -20.58 2.54
CA LYS A 318 -28.54 -19.43 2.58
C LYS A 318 -27.40 -19.59 3.59
N ARG A 319 -26.94 -20.83 3.80
CA ARG A 319 -25.74 -21.08 4.61
C ARG A 319 -24.45 -21.17 3.78
N ILE A 320 -24.55 -21.27 2.45
CA ILE A 320 -23.39 -21.41 1.57
C ILE A 320 -23.53 -20.32 0.52
N ALA A 321 -22.43 -19.61 0.28
CA ALA A 321 -22.43 -18.52 -0.66
C ALA A 321 -21.08 -18.44 -1.36
N TYR A 322 -21.08 -17.96 -2.59
CA TYR A 322 -19.89 -17.88 -3.42
C TYR A 322 -19.71 -16.42 -3.82
N ARG A 323 -18.50 -16.11 -4.28
CA ARG A 323 -18.22 -14.94 -5.10
C ARG A 323 -17.16 -15.30 -6.13
N LEU A 324 -17.31 -14.78 -7.35
CA LEU A 324 -16.37 -15.04 -8.42
C LEU A 324 -16.15 -13.71 -9.12
N ILE A 325 -14.90 -13.27 -9.16
CA ILE A 325 -14.56 -11.98 -9.72
C ILE A 325 -13.45 -12.21 -10.73
N GLY A 326 -13.62 -11.67 -11.94
CA GLY A 326 -12.63 -11.82 -12.99
C GLY A 326 -12.41 -10.49 -13.68
N LEU A 327 -11.28 -10.38 -14.37
CA LEU A 327 -10.81 -9.11 -14.89
C LEU A 327 -9.74 -9.37 -15.95
N GLY A 328 -9.84 -8.63 -17.05
CA GLY A 328 -8.76 -8.45 -18.01
C GLY A 328 -8.60 -6.97 -18.28
N LYS A 329 -7.34 -6.50 -18.39
CA LYS A 329 -7.12 -5.10 -18.65
C LYS A 329 -5.77 -4.87 -19.28
N GLY A 330 -5.66 -3.70 -19.91
CA GLY A 330 -4.48 -3.29 -20.61
C GLY A 330 -4.34 -1.78 -20.54
N SER A 331 -3.12 -1.35 -20.76
CA SER A 331 -2.82 0.05 -21.03
C SER A 331 -1.53 0.08 -21.85
N ASP A 332 -1.44 0.99 -22.81
CA ASP A 332 -0.17 1.59 -23.16
C ASP A 332 0.03 2.58 -22.03
N THR A 333 1.18 3.15 -21.83
CA THR A 333 1.18 4.10 -20.72
C THR A 333 1.30 5.45 -21.37
N GLN A 334 1.80 6.44 -20.62
CA GLN A 334 2.34 7.63 -21.25
C GLN A 334 3.65 7.34 -21.98
N PHE A 335 4.32 6.22 -21.68
CA PHE A 335 5.66 5.96 -22.15
C PHE A 335 5.59 5.20 -23.50
N ASP A 336 6.50 5.58 -24.39
CA ASP A 336 6.67 4.90 -25.65
C ASP A 336 7.05 3.44 -25.43
N HIS A 337 6.49 2.58 -26.26
CA HIS A 337 6.90 1.15 -26.31
C HIS A 337 6.59 0.40 -25.02
N VAL A 338 5.62 0.88 -24.26
CA VAL A 338 5.37 0.23 -22.98
C VAL A 338 3.95 -0.32 -23.03
N LYS A 339 3.76 -1.51 -22.40
CA LYS A 339 2.46 -2.12 -22.20
C LYS A 339 2.29 -2.50 -20.71
N GLU A 340 1.07 -2.29 -20.19
CA GLU A 340 0.57 -2.96 -18.99
C GLU A 340 -0.54 -3.91 -19.39
N GLU A 341 -0.60 -5.07 -18.78
CA GLU A 341 -1.60 -6.07 -19.13
C GLU A 341 -1.78 -7.00 -17.94
N ARG A 342 -3.04 -7.39 -17.65
CA ARG A 342 -3.36 -8.24 -16.51
C ARG A 342 -4.63 -9.05 -16.76
N TYR A 343 -4.60 -10.32 -16.34
CA TYR A 343 -5.76 -11.21 -16.29
C TYR A 343 -5.77 -11.83 -14.90
N ALA A 344 -6.94 -11.80 -14.25
CA ALA A 344 -7.04 -12.25 -12.88
C ALA A 344 -8.42 -12.81 -12.60
N ILE A 345 -8.46 -13.75 -11.66
CA ILE A 345 -9.69 -14.34 -11.20
C ILE A 345 -9.55 -14.68 -9.72
N ALA A 346 -10.64 -14.48 -8.98
CA ALA A 346 -10.67 -14.73 -7.55
C ALA A 346 -11.98 -15.44 -7.20
N PRO A 347 -11.97 -16.79 -7.01
CA PRO A 347 -13.12 -17.49 -6.42
C PRO A 347 -13.06 -17.49 -4.90
N THR A 348 -14.23 -17.27 -4.28
CA THR A 348 -14.39 -17.39 -2.82
C THR A 348 -15.65 -18.21 -2.52
N LEU A 349 -15.58 -19.07 -1.49
CA LEU A 349 -16.74 -19.83 -1.01
C LEU A 349 -16.83 -19.69 0.49
N ALA A 350 -18.04 -19.43 1.01
CA ALA A 350 -18.29 -19.28 2.43
C ALA A 350 -19.35 -20.31 2.86
N ILE A 351 -19.09 -21.02 3.96
CA ILE A 351 -19.94 -22.08 4.46
C ILE A 351 -20.09 -21.92 5.96
N ASP A 352 -21.35 -21.81 6.40
CA ASP A 352 -21.70 -21.80 7.81
C ASP A 352 -22.02 -23.23 8.24
N PHE A 353 -21.20 -23.84 9.11
CA PHE A 353 -21.53 -25.14 9.66
C PHE A 353 -22.66 -25.07 10.68
N SER A 354 -22.55 -24.13 11.60
CA SER A 354 -23.66 -23.96 12.54
C SER A 354 -23.84 -22.46 12.71
N ASP A 355 -24.38 -22.05 13.84
CA ASP A 355 -24.46 -20.60 14.11
C ASP A 355 -23.15 -20.23 14.79
N ASP A 356 -22.26 -21.20 14.93
CA ASP A 356 -20.98 -20.96 15.65
C ASP A 356 -19.77 -21.05 14.72
N THR A 357 -19.95 -21.37 13.45
CA THR A 357 -18.76 -21.62 12.65
C THR A 357 -19.01 -21.15 11.22
N THR A 358 -18.04 -20.37 10.68
CA THR A 358 -17.98 -20.06 9.26
C THR A 358 -16.56 -20.36 8.76
N LEU A 359 -16.47 -21.07 7.63
CA LEU A 359 -15.23 -21.24 6.88
C LEU A 359 -15.35 -20.53 5.54
N THR A 360 -14.37 -19.65 5.21
CA THR A 360 -14.34 -18.97 3.92
C THR A 360 -13.08 -19.44 3.19
N LEU A 361 -13.24 -19.99 1.96
CA LEU A 361 -12.16 -20.50 1.13
C LEU A 361 -11.90 -19.51 0.01
N GLN A 362 -10.61 -19.19 -0.24
CA GLN A 362 -10.24 -18.10 -1.14
C GLN A 362 -9.10 -18.51 -2.07
N GLY A 363 -9.25 -18.15 -3.35
CA GLY A 363 -8.23 -18.32 -4.36
C GLY A 363 -8.03 -16.98 -5.07
N TYR A 364 -6.81 -16.72 -5.57
CA TYR A 364 -6.52 -15.52 -6.32
C TYR A 364 -5.36 -15.78 -7.25
N LEU A 365 -5.68 -15.81 -8.55
CA LEU A 365 -4.75 -16.11 -9.62
C LEU A 365 -4.67 -14.89 -10.53
N GLN A 366 -3.44 -14.39 -10.76
CA GLN A 366 -3.23 -13.17 -11.52
C GLN A 366 -1.98 -13.33 -12.39
N HIS A 367 -2.12 -12.92 -13.66
CA HIS A 367 -1.05 -12.99 -14.61
C HIS A 367 -0.88 -11.59 -15.19
N ASP A 368 0.30 -11.00 -14.97
CA ASP A 368 0.69 -9.77 -15.61
C ASP A 368 1.73 -10.12 -16.67
N PRO A 369 1.37 -10.34 -17.96
CA PRO A 369 2.39 -10.64 -18.96
C PRO A 369 3.20 -9.42 -19.38
N ASN A 370 2.72 -8.20 -19.05
CA ASN A 370 3.47 -6.96 -19.17
C ASN A 370 3.36 -6.14 -17.90
N GLY A 371 4.41 -5.35 -17.58
CA GLY A 371 4.54 -4.71 -16.28
C GLY A 371 4.68 -3.21 -16.33
N GLY A 372 4.19 -2.57 -17.41
CA GLY A 372 4.23 -1.13 -17.51
C GLY A 372 5.67 -0.63 -17.47
N TYR A 373 5.86 0.56 -16.88
CA TYR A 373 7.15 1.23 -16.85
C TYR A 373 7.64 1.32 -15.41
N HIS A 374 8.95 1.12 -15.21
CA HIS A 374 9.55 1.15 -13.89
C HIS A 374 10.97 1.67 -14.00
N GLY A 375 11.08 2.87 -14.52
CA GLY A 375 12.35 3.52 -14.76
C GLY A 375 12.34 4.94 -14.20
N GLY A 376 13.49 5.59 -14.37
CA GLY A 376 13.70 6.97 -13.98
C GLY A 376 14.93 7.54 -14.68
N VAL A 377 15.03 8.86 -14.71
CA VAL A 377 16.07 9.55 -15.46
C VAL A 377 16.68 10.68 -14.63
N PRO A 378 17.80 11.27 -15.08
CA PRO A 378 18.48 12.30 -14.26
C PRO A 378 17.67 13.54 -13.94
N ALA A 379 17.91 14.07 -12.75
CA ALA A 379 17.54 15.44 -12.41
C ALA A 379 18.06 16.42 -13.48
N ASP A 380 19.32 16.23 -13.88
CA ASP A 380 20.01 17.12 -14.81
C ASP A 380 19.08 17.55 -15.93
N GLY A 381 18.55 16.64 -16.78
CA GLY A 381 17.59 17.03 -17.81
C GLY A 381 16.10 16.96 -17.48
N THR A 382 15.67 17.00 -16.20
CA THR A 382 14.24 16.96 -15.85
C THR A 382 13.87 18.13 -14.96
N LEU A 383 14.59 18.26 -13.84
CA LEU A 383 14.49 19.43 -12.96
C LEU A 383 15.20 20.66 -13.55
N SER A 384 16.13 20.47 -14.49
CA SER A 384 16.72 21.59 -15.23
C SER A 384 16.83 21.16 -16.69
N HIS A 385 17.14 22.10 -17.59
CA HIS A 385 17.46 21.73 -18.96
C HIS A 385 18.87 21.14 -18.96
N HIS A 386 19.12 20.21 -19.89
CA HIS A 386 20.44 19.63 -20.10
C HIS A 386 20.94 20.08 -21.49
N ASN A 387 22.22 20.48 -21.53
CA ASN A 387 22.92 20.86 -22.78
C ASN A 387 21.96 21.34 -23.86
N GLY A 388 21.41 20.40 -24.61
CA GLY A 388 20.57 20.80 -25.74
C GLY A 388 19.56 21.90 -25.39
N ARG A 389 19.46 22.25 -24.10
CA ARG A 389 18.39 23.17 -23.63
C ARG A 389 17.12 22.35 -23.77
N HIS A 390 17.28 21.04 -23.65
CA HIS A 390 16.17 20.13 -23.79
C HIS A 390 15.84 19.67 -22.36
N ILE A 391 14.58 19.26 -22.17
CA ILE A 391 14.16 18.47 -21.03
C ILE A 391 13.81 17.09 -21.63
N SER A 392 14.08 15.97 -20.90
CA SER A 392 13.59 14.65 -21.30
C SER A 392 12.06 14.66 -21.25
N ARG A 393 11.39 14.00 -22.20
CA ARG A 393 9.93 14.03 -22.32
C ARG A 393 9.28 13.12 -21.28
N GLU A 394 8.03 13.45 -20.87
CA GLU A 394 7.23 12.66 -19.95
C GLU A 394 6.87 11.30 -20.57
N PHE A 395 7.04 11.13 -21.90
CA PHE A 395 6.78 9.90 -22.64
C PHE A 395 8.06 9.13 -22.96
N PHE A 396 9.23 9.62 -22.53
CA PHE A 396 10.50 9.05 -22.96
C PHE A 396 10.67 7.67 -22.36
N ASP A 397 11.29 6.76 -23.13
CA ASP A 397 11.52 5.36 -22.77
C ASP A 397 13.02 5.07 -22.86
N GLY A 398 13.63 4.76 -21.69
CA GLY A 398 15.04 4.51 -21.59
C GLY A 398 15.44 3.08 -21.99
N GLU A 399 14.55 2.27 -22.50
CA GLU A 399 14.99 0.88 -22.77
C GLU A 399 14.71 0.51 -24.22
N PRO A 400 15.25 -0.60 -24.75
CA PRO A 400 14.91 -1.07 -26.06
C PRO A 400 13.89 -2.11 -25.77
N SER A 401 13.26 -2.59 -26.83
CA SER A 401 12.29 -3.70 -26.70
C SER A 401 13.02 -5.01 -26.40
N LYS A 402 13.93 -5.00 -25.42
CA LYS A 402 14.49 -6.24 -24.86
C LYS A 402 13.94 -5.99 -23.45
N ASP A 403 12.70 -5.48 -23.41
CA ASP A 403 12.10 -5.16 -22.10
C ASP A 403 11.02 -6.19 -21.84
N ASP A 404 10.87 -6.59 -20.58
CA ASP A 404 9.89 -7.65 -20.26
C ASP A 404 9.65 -7.75 -18.76
N PHE A 405 8.40 -7.65 -18.32
CA PHE A 405 8.08 -7.93 -16.94
C PHE A 405 6.87 -8.86 -16.88
N ASP A 406 7.09 -10.11 -16.46
CA ASP A 406 6.06 -11.12 -16.44
C ASP A 406 5.93 -11.60 -15.01
N ARG A 407 4.76 -11.37 -14.38
CA ARG A 407 4.51 -11.72 -12.99
C ARG A 407 3.25 -12.58 -12.94
N THR A 408 3.40 -13.80 -12.40
CA THR A 408 2.26 -14.67 -12.10
C THR A 408 2.17 -14.83 -10.59
N GLN A 409 0.99 -14.55 -10.01
CA GLN A 409 0.74 -14.68 -8.59
C GLN A 409 -0.35 -15.73 -8.39
N ARG A 410 -0.10 -16.75 -7.56
CA ARG A 410 -1.06 -17.82 -7.31
C ARG A 410 -1.26 -17.88 -5.81
N MET A 411 -2.46 -17.49 -5.32
CA MET A 411 -2.74 -17.50 -3.89
C MET A 411 -3.93 -18.40 -3.58
N PHE A 412 -3.80 -19.14 -2.49
CA PHE A 412 -4.89 -19.90 -1.92
C PHE A 412 -4.90 -19.62 -0.42
N GLY A 413 -6.09 -19.52 0.17
CA GLY A 413 -6.17 -19.40 1.60
C GLY A 413 -7.54 -19.73 2.15
N TYR A 414 -7.69 -19.51 3.45
CA TYR A 414 -8.99 -19.65 4.06
C TYR A 414 -9.01 -18.84 5.34
N GLN A 415 -10.22 -18.58 5.81
CA GLN A 415 -10.48 -17.96 7.10
C GLN A 415 -11.52 -18.82 7.82
N LEU A 416 -11.14 -19.35 9.00
CA LEU A 416 -12.05 -20.15 9.81
C LEU A 416 -12.44 -19.31 11.04
N GLU A 417 -13.73 -19.06 11.24
CA GLU A 417 -14.25 -18.31 12.38
C GLU A 417 -15.08 -19.27 13.23
N HIS A 418 -14.78 -19.37 14.53
CA HIS A 418 -15.50 -20.27 15.42
C HIS A 418 -15.86 -19.56 16.73
N ARG A 419 -17.17 -19.41 16.98
CA ARG A 419 -17.67 -18.96 18.26
C ARG A 419 -17.75 -20.17 19.18
N ILE A 420 -17.04 -20.14 20.31
CA ILE A 420 -17.11 -21.19 21.31
C ILE A 420 -18.27 -20.87 22.28
N ASP A 421 -18.26 -19.65 22.83
CA ASP A 421 -19.14 -19.10 23.86
C ASP A 421 -19.49 -17.68 23.46
N ASP A 422 -20.40 -17.05 24.21
CA ASP A 422 -20.50 -15.58 24.21
C ASP A 422 -19.19 -14.93 24.67
N VAL A 423 -18.38 -15.65 25.46
CA VAL A 423 -17.06 -15.20 25.87
C VAL A 423 -15.97 -15.46 24.82
N TRP A 424 -15.86 -16.71 24.37
CA TRP A 424 -14.69 -17.25 23.68
C TRP A 424 -14.96 -17.39 22.20
N SER A 425 -14.05 -16.84 21.40
CA SER A 425 -14.07 -17.02 19.97
C SER A 425 -12.65 -17.30 19.48
N ALA A 426 -12.54 -18.04 18.36
CA ALA A 426 -11.25 -18.40 17.78
C ALA A 426 -11.33 -18.18 16.28
N ARG A 427 -10.16 -17.92 15.69
CA ARG A 427 -10.06 -17.67 14.28
C ARG A 427 -8.69 -18.14 13.79
N GLN A 428 -8.68 -18.69 12.56
CA GLN A 428 -7.46 -19.03 11.85
C GLN A 428 -7.56 -18.42 10.46
N ASN A 429 -6.64 -17.51 10.15
CA ASN A 429 -6.42 -16.99 8.81
C ASN A 429 -5.16 -17.63 8.24
N PHE A 430 -5.24 -18.08 6.98
CA PHE A 430 -4.16 -18.76 6.29
C PHE A 430 -4.10 -18.29 4.85
N ARG A 431 -2.88 -18.21 4.32
CA ARG A 431 -2.65 -17.97 2.91
C ARG A 431 -1.33 -18.62 2.48
N TYR A 432 -1.38 -19.30 1.33
CA TYR A 432 -0.21 -19.72 0.62
C TYR A 432 -0.08 -18.89 -0.66
N LEU A 433 1.17 -18.50 -0.98
CA LEU A 433 1.50 -17.76 -2.18
C LEU A 433 2.62 -18.46 -2.94
N ASP A 434 2.46 -18.50 -4.26
CA ASP A 434 3.49 -18.99 -5.16
C ASP A 434 3.52 -18.04 -6.35
N SER A 435 4.67 -17.41 -6.62
CA SER A 435 4.78 -16.47 -7.73
C SER A 435 6.05 -16.71 -8.53
N ASP A 436 5.95 -16.34 -9.82
CA ASP A 436 7.04 -16.33 -10.76
C ASP A 436 7.18 -14.93 -11.29
N VAL A 437 8.41 -14.40 -11.30
CA VAL A 437 8.73 -13.12 -11.93
C VAL A 437 9.89 -13.33 -12.90
N ASP A 438 9.71 -12.81 -14.12
CA ASP A 438 10.73 -12.78 -15.15
C ASP A 438 10.88 -11.33 -15.61
N LEU A 439 12.12 -10.83 -15.58
CA LEU A 439 12.43 -9.43 -15.83
C LEU A 439 13.55 -9.34 -16.84
N SER A 440 13.43 -8.37 -17.74
CA SER A 440 14.53 -8.06 -18.67
C SER A 440 14.43 -6.54 -18.81
N GLN A 441 15.40 -5.81 -18.30
CA GLN A 441 15.22 -4.34 -18.31
C GLN A 441 16.50 -3.56 -18.60
N VAL A 442 16.53 -2.79 -19.68
CA VAL A 442 17.62 -1.86 -19.93
C VAL A 442 17.19 -0.52 -19.36
N TYR A 443 18.07 0.14 -18.58
CA TYR A 443 17.73 1.38 -17.92
C TYR A 443 18.87 2.40 -17.98
N ALA A 444 18.49 3.69 -17.91
CA ALA A 444 19.43 4.80 -17.94
C ALA A 444 20.06 4.94 -16.58
N TYR A 445 21.35 5.27 -16.57
CA TYR A 445 22.02 5.62 -15.34
C TYR A 445 23.06 6.71 -15.59
N GLY A 446 22.63 7.98 -15.52
CA GLY A 446 23.54 9.10 -15.70
C GLY A 446 23.90 9.39 -17.15
N TRP A 447 24.56 10.55 -17.35
CA TRP A 447 24.89 11.02 -18.69
C TRP A 447 26.22 10.44 -19.12
N SER A 448 26.34 10.13 -20.42
CA SER A 448 27.61 9.62 -20.96
C SER A 448 28.71 10.68 -20.81
N ALA A 449 29.89 10.22 -20.36
CA ALA A 449 31.07 11.06 -20.20
C ALA A 449 31.51 11.62 -21.56
N SER A 450 31.52 10.77 -22.61
CA SER A 450 32.01 11.15 -23.94
C SER A 450 30.91 11.70 -24.84
N GLU A 451 29.78 10.97 -24.95
CA GLU A 451 28.79 11.26 -25.97
C GLU A 451 27.75 12.17 -25.34
N PRO A 452 27.45 13.34 -25.93
CA PRO A 452 26.99 14.48 -25.13
C PRO A 452 25.52 14.46 -24.66
N ASN A 453 24.59 14.08 -25.53
CA ASN A 453 23.17 14.00 -25.17
C ASN A 453 22.72 12.55 -25.09
N LYS A 454 23.62 11.65 -24.66
CA LYS A 454 23.29 10.25 -24.56
C LYS A 454 23.42 9.81 -23.11
N LEU A 455 22.50 8.93 -22.70
CA LEU A 455 22.52 8.37 -21.36
C LEU A 455 23.28 7.05 -21.40
N ASN A 456 24.13 6.83 -20.38
CA ASN A 456 24.65 5.50 -20.13
C ASN A 456 23.53 4.56 -19.70
N ARG A 457 23.61 3.29 -20.10
CA ARG A 457 22.59 2.32 -19.77
C ARG A 457 23.21 1.01 -19.30
N TYR A 458 22.41 0.31 -18.48
CA TYR A 458 22.77 -0.99 -17.96
C TYR A 458 21.58 -1.92 -18.13
N PHE A 459 21.82 -3.19 -17.79
CA PHE A 459 20.76 -4.19 -17.92
C PHE A 459 20.57 -4.95 -16.64
N SER A 460 19.33 -5.21 -16.27
CA SER A 460 18.94 -6.07 -15.17
C SER A 460 18.10 -7.21 -15.73
N GLY A 461 18.38 -8.43 -15.29
CA GLY A 461 17.59 -9.58 -15.68
C GLY A 461 17.31 -10.40 -14.44
N ALA A 462 16.11 -10.94 -14.30
CA ALA A 462 15.77 -11.73 -13.14
C ALA A 462 14.81 -12.87 -13.54
N ARG A 463 14.98 -13.99 -12.83
CA ARG A 463 14.06 -15.13 -12.94
C ARG A 463 13.91 -15.49 -11.46
N GLU A 464 12.74 -15.29 -10.88
CA GLU A 464 12.53 -15.43 -9.47
C GLU A 464 11.29 -16.28 -9.19
N HIS A 465 11.41 -17.19 -8.23
CA HIS A 465 10.31 -18.01 -7.79
C HIS A 465 10.18 -17.83 -6.30
N LEU A 466 9.01 -17.32 -5.87
CA LEU A 466 8.74 -17.05 -4.46
C LEU A 466 7.65 -17.99 -3.98
N GLN A 467 7.90 -18.61 -2.81
CA GLN A 467 6.95 -19.42 -2.09
C GLN A 467 6.80 -18.85 -0.68
N ALA A 468 5.56 -18.76 -0.18
CA ALA A 468 5.31 -18.20 1.14
C ALA A 468 4.03 -18.72 1.77
N TYR A 469 4.17 -19.14 3.03
CA TYR A 469 3.12 -19.62 3.90
C TYR A 469 3.00 -18.60 5.01
N ILE A 470 1.76 -18.22 5.32
CA ILE A 470 1.46 -17.42 6.50
C ILE A 470 0.16 -17.93 7.12
N VAL A 471 0.21 -18.11 8.44
CA VAL A 471 -0.95 -18.46 9.22
C VAL A 471 -1.00 -17.59 10.47
N ASP A 472 -2.23 -17.26 10.91
CA ASP A 472 -2.46 -16.54 12.14
C ASP A 472 -3.59 -17.23 12.92
N ASN A 473 -3.30 -17.56 14.19
CA ASN A 473 -4.17 -18.31 15.06
C ASN A 473 -4.56 -17.36 16.18
N MET A 474 -5.85 -17.04 16.33
CA MET A 474 -6.29 -16.06 17.32
C MET A 474 -7.33 -16.69 18.24
N LEU A 475 -7.24 -16.38 19.55
CA LEU A 475 -8.23 -16.78 20.52
C LEU A 475 -8.60 -15.55 21.34
N GLN A 476 -9.90 -15.25 21.50
CA GLN A 476 -10.32 -14.03 22.17
C GLN A 476 -11.36 -14.35 23.23
N ALA A 477 -11.20 -13.72 24.41
CA ALA A 477 -12.17 -13.80 25.51
C ALA A 477 -12.73 -12.41 25.76
N GLU A 478 -14.07 -12.28 25.71
CA GLU A 478 -14.77 -11.05 26.03
C GLU A 478 -15.58 -11.28 27.30
N PHE A 479 -15.33 -10.48 28.34
CA PHE A 479 -15.84 -10.79 29.67
C PHE A 479 -15.68 -9.55 30.55
N ALA A 480 -16.42 -9.53 31.65
CA ALA A 480 -16.40 -8.43 32.59
C ALA A 480 -15.74 -8.93 33.86
N THR A 481 -15.04 -8.02 34.55
CA THR A 481 -14.56 -8.20 35.90
C THR A 481 -14.96 -6.94 36.65
N GLY A 482 -16.09 -6.98 37.38
CA GLY A 482 -16.64 -5.79 37.99
C GLY A 482 -16.98 -4.75 36.91
N ALA A 483 -16.56 -3.51 37.11
CA ALA A 483 -16.89 -2.45 36.16
C ALA A 483 -16.06 -2.51 34.89
N ALA A 484 -15.02 -3.37 34.77
CA ALA A 484 -14.15 -3.39 33.59
C ALA A 484 -14.62 -4.47 32.61
N ARG A 485 -14.80 -4.10 31.34
CA ARG A 485 -15.03 -5.07 30.27
C ARG A 485 -13.70 -5.33 29.58
N HIS A 486 -13.29 -6.61 29.43
CA HIS A 486 -12.06 -7.00 28.77
C HIS A 486 -12.39 -7.62 27.43
N THR A 487 -11.61 -7.28 26.41
CA THR A 487 -11.57 -8.02 25.17
C THR A 487 -10.12 -8.47 25.03
N LEU A 488 -9.85 -9.73 25.41
CA LEU A 488 -8.51 -10.23 25.61
C LEU A 488 -8.21 -11.20 24.46
N LEU A 489 -7.19 -10.84 23.66
CA LEU A 489 -6.77 -11.58 22.48
C LEU A 489 -5.39 -12.18 22.74
N THR A 490 -5.27 -13.45 22.39
CA THR A 490 -3.99 -14.14 22.37
C THR A 490 -3.80 -14.75 20.98
N GLY A 491 -2.55 -14.75 20.48
CA GLY A 491 -2.32 -15.17 19.12
C GLY A 491 -0.95 -15.75 18.86
N LEU A 492 -0.89 -16.61 17.84
CA LEU A 492 0.32 -17.26 17.39
C LEU A 492 0.29 -17.15 15.89
N ASP A 493 1.31 -16.53 15.30
CA ASP A 493 1.40 -16.47 13.85
C ASP A 493 2.75 -16.98 13.39
N TYR A 494 2.78 -17.29 12.11
CA TYR A 494 3.95 -17.94 11.53
C TYR A 494 4.04 -17.54 10.07
N GLN A 495 5.22 -17.04 9.65
CA GLN A 495 5.48 -16.74 8.25
C GLN A 495 6.70 -17.56 7.84
N ARG A 496 6.62 -18.14 6.65
CA ARG A 496 7.76 -18.87 6.07
C ARG A 496 7.86 -18.47 4.60
N ARG A 497 9.03 -18.00 4.17
CA ARG A 497 9.23 -17.54 2.81
C ARG A 497 10.54 -18.11 2.28
N ARG A 498 10.52 -18.49 1.00
CA ARG A 498 11.70 -18.87 0.25
C ARG A 498 11.62 -18.21 -1.12
N THR A 499 12.67 -17.48 -1.49
CA THR A 499 12.74 -16.80 -2.78
C THR A 499 13.99 -17.33 -3.48
N VAL A 500 13.80 -17.95 -4.65
CA VAL A 500 14.88 -18.45 -5.48
C VAL A 500 15.06 -17.42 -6.61
N VAL A 501 16.23 -16.76 -6.64
CA VAL A 501 16.46 -15.68 -7.59
C VAL A 501 17.72 -15.99 -8.41
N ASP A 502 17.59 -15.87 -9.74
CA ASP A 502 18.70 -15.91 -10.65
C ASP A 502 18.79 -14.54 -11.29
N TRP A 503 19.83 -13.79 -10.92
CA TRP A 503 19.99 -12.42 -11.39
C TRP A 503 21.09 -12.30 -12.44
N ARG A 504 20.79 -11.52 -13.49
CA ARG A 504 21.74 -11.20 -14.54
C ARG A 504 21.88 -9.69 -14.63
N SER A 505 23.05 -9.24 -15.09
CA SER A 505 23.25 -7.83 -15.33
C SER A 505 24.31 -7.62 -16.40
N GLY A 506 24.37 -6.40 -16.91
CA GLY A 506 25.44 -6.04 -17.82
C GLY A 506 25.38 -4.57 -18.24
N SER A 507 26.22 -4.25 -19.23
CA SER A 507 26.29 -2.94 -19.86
C SER A 507 25.47 -2.97 -21.13
N ALA A 508 24.79 -1.86 -21.43
CA ALA A 508 24.03 -1.73 -22.66
C ALA A 508 24.59 -0.56 -23.45
N SER A 509 24.12 -0.41 -24.68
CA SER A 509 24.51 0.75 -25.48
C SER A 509 23.95 2.03 -24.88
N ALA A 510 24.62 3.14 -25.17
CA ALA A 510 24.16 4.47 -24.79
C ALA A 510 22.98 4.83 -25.67
N LEU A 511 22.14 5.73 -25.15
CA LEU A 511 20.92 6.13 -25.85
C LEU A 511 20.83 7.64 -25.82
N ASP A 512 20.50 8.24 -26.99
CA ASP A 512 20.18 9.64 -27.07
C ASP A 512 18.88 9.92 -26.31
N ALA A 513 18.90 10.89 -25.38
CA ALA A 513 17.78 11.15 -24.49
C ALA A 513 16.64 11.93 -25.17
N PHE A 514 16.88 12.35 -26.43
CA PHE A 514 15.89 13.07 -27.28
C PHE A 514 16.09 12.52 -28.70
N ASN A 515 15.08 11.87 -29.26
CA ASN A 515 15.25 11.19 -30.57
C ASN A 515 16.12 9.95 -30.34
N PRO A 516 15.75 9.03 -29.44
CA PRO A 516 16.50 7.79 -29.27
C PRO A 516 16.34 6.95 -30.53
N VAL A 517 17.33 6.12 -30.79
CA VAL A 517 17.21 5.14 -31.90
C VAL A 517 17.33 3.76 -31.24
N TYR A 518 16.26 2.99 -31.24
CA TYR A 518 16.21 1.67 -30.62
C TYR A 518 16.82 0.67 -31.61
N GLY A 519 17.17 -0.51 -31.09
CA GLY A 519 17.58 -1.65 -31.90
C GLY A 519 18.97 -2.16 -31.53
N ASP A 520 19.79 -1.29 -30.91
CA ASP A 520 21.10 -1.66 -30.42
C ASP A 520 20.92 -2.26 -29.03
N ASP A 521 20.57 -3.55 -29.01
CA ASP A 521 20.19 -4.26 -27.76
C ASP A 521 21.19 -5.30 -27.28
N ALA A 522 22.41 -5.28 -27.78
CA ALA A 522 23.45 -6.20 -27.32
C ALA A 522 23.82 -5.83 -25.89
N ILE A 523 24.09 -6.83 -25.07
CA ILE A 523 24.43 -6.56 -23.64
C ILE A 523 25.76 -7.21 -23.32
N SER A 524 26.66 -6.46 -22.69
CA SER A 524 27.90 -7.03 -22.20
C SER A 524 27.68 -7.50 -20.79
N TYR A 525 27.57 -8.81 -20.61
CA TYR A 525 27.12 -9.31 -19.30
C TYR A 525 28.16 -9.39 -18.23
N PHE A 526 27.81 -8.91 -17.05
CA PHE A 526 28.62 -9.07 -15.86
C PHE A 526 28.40 -10.48 -15.29
N PRO A 527 29.18 -10.89 -14.26
CA PRO A 527 28.90 -12.15 -13.55
C PRO A 527 27.46 -12.30 -13.05
N ASP A 528 26.87 -13.48 -13.28
CA ASP A 528 25.57 -13.85 -12.73
C ASP A 528 25.59 -13.80 -11.20
N ASP A 529 24.41 -13.70 -10.59
CA ASP A 529 24.32 -13.62 -9.14
C ASP A 529 23.06 -14.35 -8.69
N ASN A 530 23.20 -15.59 -8.23
CA ASN A 530 22.07 -16.44 -7.89
C ASN A 530 22.01 -16.67 -6.39
N HIS A 531 20.80 -16.58 -5.80
CA HIS A 531 20.60 -16.71 -4.37
C HIS A 531 19.36 -17.53 -4.09
N THR A 532 19.36 -18.22 -2.93
CA THR A 532 18.13 -18.66 -2.27
C THR A 532 18.01 -17.96 -0.93
N ARG A 533 16.94 -17.15 -0.79
CA ARG A 533 16.69 -16.33 0.39
C ARG A 533 15.52 -16.96 1.15
N ARG A 534 15.69 -17.12 2.48
CA ARG A 534 14.68 -17.70 3.33
C ARG A 534 14.42 -16.75 4.49
N LEU A 535 13.15 -16.63 4.89
CA LEU A 535 12.75 -15.92 6.10
C LEU A 535 11.73 -16.77 6.84
N GLU A 536 11.89 -16.81 8.16
CA GLU A 536 10.91 -17.42 9.05
C GLU A 536 10.65 -16.47 10.21
N GLN A 537 9.37 -16.30 10.57
CA GLN A 537 8.97 -15.47 11.69
C GLN A 537 7.87 -16.19 12.44
N THR A 538 8.11 -16.42 13.74
CA THR A 538 7.09 -16.92 14.66
C THR A 538 6.78 -15.82 15.67
N GLY A 539 5.49 -15.51 15.84
CA GLY A 539 5.04 -14.47 16.74
C GLY A 539 4.00 -15.00 17.72
N VAL A 540 4.18 -14.66 19.00
CA VAL A 540 3.23 -14.92 20.04
C VAL A 540 2.87 -13.55 20.61
N TYR A 541 1.56 -13.24 20.66
CA TYR A 541 1.15 -11.92 21.06
C TYR A 541 -0.08 -11.97 21.96
N LEU A 542 -0.18 -10.95 22.82
CA LEU A 542 -1.29 -10.76 23.74
C LEU A 542 -1.75 -9.31 23.62
N GLN A 543 -3.07 -9.12 23.72
CA GLN A 543 -3.69 -7.80 23.73
C GLN A 543 -4.91 -7.83 24.64
N ASP A 544 -5.06 -6.79 25.47
CA ASP A 544 -6.29 -6.57 26.23
C ASP A 544 -6.82 -5.17 25.94
N LEU A 545 -8.02 -5.12 25.36
CA LEU A 545 -8.82 -3.89 25.28
C LEU A 545 -9.73 -3.85 26.51
N ILE A 546 -9.54 -2.83 27.36
CA ILE A 546 -10.24 -2.70 28.62
C ILE A 546 -11.09 -1.44 28.54
N ASP A 547 -12.42 -1.62 28.63
CA ASP A 547 -13.37 -0.52 28.59
C ASP A 547 -13.94 -0.39 30.00
N ILE A 548 -13.78 0.77 30.59
CA ILE A 548 -14.28 0.99 31.93
C ILE A 548 -14.78 2.43 31.99
N ASP A 549 -16.07 2.59 32.31
CA ASP A 549 -16.73 3.88 32.22
C ASP A 549 -16.54 4.43 30.80
N GLN A 550 -16.01 5.65 30.68
CA GLN A 550 -15.74 6.23 29.37
C GLN A 550 -14.30 5.99 28.89
N TRP A 551 -13.47 5.27 29.67
CA TRP A 551 -12.10 4.98 29.27
C TRP A 551 -12.09 3.77 28.35
N ARG A 552 -11.20 3.84 27.36
CA ARG A 552 -10.90 2.73 26.47
C ARG A 552 -9.40 2.55 26.46
N PHE A 553 -8.93 1.44 27.06
CA PHE A 553 -7.51 1.16 27.15
C PHE A 553 -7.13 0.01 26.24
N SER A 554 -5.88 0.04 25.76
CA SER A 554 -5.28 -0.99 24.93
C SER A 554 -3.89 -1.31 25.49
N LEU A 555 -3.65 -2.59 25.74
CA LEU A 555 -2.36 -3.09 26.20
C LEU A 555 -1.96 -4.22 25.29
N GLY A 556 -0.74 -4.17 24.73
CA GLY A 556 -0.27 -5.16 23.77
C GLY A 556 1.17 -5.57 24.07
N LEU A 557 1.46 -6.85 23.87
CA LEU A 557 2.84 -7.37 24.02
C LEU A 557 3.01 -8.51 23.00
N ARG A 558 4.17 -8.57 22.35
CA ARG A 558 4.43 -9.59 21.35
C ARG A 558 5.90 -9.97 21.40
N GLN A 559 6.17 -11.27 21.26
CA GLN A 559 7.50 -11.79 21.08
C GLN A 559 7.59 -12.40 19.69
N ASP A 560 8.66 -12.07 18.96
CA ASP A 560 8.94 -12.59 17.63
C ASP A 560 10.27 -13.35 17.65
N TRP A 561 10.33 -14.53 17.03
CA TRP A 561 11.55 -15.26 16.75
C TRP A 561 11.71 -15.23 15.25
N VAL A 562 12.81 -14.65 14.79
CA VAL A 562 13.06 -14.42 13.37
C VAL A 562 14.34 -15.17 12.98
N SER A 563 14.28 -15.83 11.83
CA SER A 563 15.42 -16.51 11.24
C SER A 563 15.46 -16.13 9.76
N VAL A 564 16.62 -15.57 9.31
CA VAL A 564 16.83 -15.14 7.94
C VAL A 564 18.10 -15.81 7.41
N THR A 565 18.03 -16.34 6.18
CA THR A 565 19.19 -16.97 5.54
C THR A 565 19.33 -16.48 4.09
N ASP A 566 20.57 -16.34 3.63
CA ASP A 566 20.83 -16.01 2.24
C ASP A 566 21.91 -16.99 1.76
N LYS A 567 21.53 -17.94 0.91
CA LYS A 567 22.45 -18.86 0.28
C LYS A 567 22.83 -18.26 -1.06
N ASN A 568 24.11 -17.94 -1.23
CA ASN A 568 24.60 -17.48 -2.51
C ASN A 568 24.87 -18.74 -3.32
N ARG A 569 24.06 -19.01 -4.33
CA ARG A 569 24.22 -20.26 -5.08
C ARG A 569 25.36 -20.15 -6.07
N SER A 570 25.76 -18.92 -6.46
CA SER A 570 26.94 -18.72 -7.31
C SER A 570 28.24 -19.06 -6.58
N THR A 571 28.40 -18.58 -5.34
CA THR A 571 29.62 -18.76 -4.54
C THR A 571 29.54 -19.91 -3.55
N GLY A 572 28.34 -20.43 -3.25
CA GLY A 572 28.16 -21.45 -2.24
C GLY A 572 28.15 -20.94 -0.79
N SER A 573 28.43 -19.66 -0.52
CA SER A 573 28.43 -19.16 0.86
C SER A 573 26.99 -18.90 1.32
N LYS A 574 26.79 -18.98 2.65
CA LYS A 574 25.48 -18.90 3.27
C LYS A 574 25.59 -17.99 4.48
N ALA A 575 24.81 -16.92 4.50
CA ALA A 575 24.66 -16.05 5.65
C ALA A 575 23.40 -16.45 6.37
N ASP A 576 23.45 -16.45 7.70
CA ASP A 576 22.43 -17.00 8.58
C ASP A 576 22.30 -16.07 9.78
N ASP A 577 21.09 -15.98 10.31
CA ASP A 577 20.83 -15.05 11.39
C ASP A 577 19.52 -15.39 12.07
N ASP A 578 19.54 -15.42 13.41
CA ASP A 578 18.42 -15.79 14.23
C ASP A 578 18.38 -14.78 15.37
N TRP A 579 17.21 -14.24 15.71
CA TRP A 579 17.12 -13.39 16.89
C TRP A 579 15.68 -13.30 17.36
N GLU A 580 15.51 -12.63 18.49
CA GLU A 580 14.16 -12.47 19.07
C GLU A 580 13.94 -11.01 19.47
N LYS A 581 12.74 -10.50 19.23
CA LYS A 581 12.38 -9.14 19.57
C LYS A 581 11.06 -9.14 20.33
N PHE A 582 10.99 -8.32 21.40
CA PHE A 582 9.76 -8.01 22.12
C PHE A 582 9.29 -6.65 21.64
N THR A 583 7.99 -6.52 21.32
CA THR A 583 7.37 -5.22 21.07
C THR A 583 6.13 -5.08 21.94
N GLY A 584 5.78 -3.82 22.24
CA GLY A 584 4.72 -3.48 23.16
C GLY A 584 3.95 -2.30 22.61
N ARG A 585 2.73 -2.10 23.14
CA ARG A 585 1.91 -0.95 22.84
C ARG A 585 1.01 -0.66 24.03
N ILE A 586 0.80 0.63 24.28
CA ILE A 586 -0.14 1.07 25.34
C ILE A 586 -0.96 2.22 24.76
N GLY A 587 -2.28 2.12 24.84
CA GLY A 587 -3.18 3.15 24.36
C GLY A 587 -4.16 3.52 25.48
N ALA A 588 -4.51 4.80 25.61
CA ALA A 588 -5.59 5.26 26.49
C ALA A 588 -6.40 6.32 25.76
N LEU A 589 -7.72 6.15 25.74
CA LEU A 589 -8.65 7.04 25.06
C LEU A 589 -9.79 7.30 26.02
N TYR A 590 -10.30 8.54 26.03
CA TYR A 590 -11.45 8.93 26.83
C TYR A 590 -12.57 9.29 25.86
N LEU A 591 -13.71 8.61 25.97
CA LEU A 591 -14.83 8.86 25.07
C LEU A 591 -15.84 9.76 25.78
N PHE A 592 -15.86 11.04 25.45
CA PHE A 592 -16.97 11.87 25.90
C PHE A 592 -18.24 11.48 25.14
N ASP A 593 -19.39 11.60 25.81
CA ASP A 593 -20.64 11.10 25.23
C ASP A 593 -21.16 12.01 24.12
N ASN A 594 -20.44 13.10 23.86
CA ASN A 594 -20.77 13.99 22.71
C ASN A 594 -20.12 13.44 21.44
N GLY A 595 -19.23 12.46 21.60
CA GLY A 595 -18.49 11.88 20.49
C GLY A 595 -17.12 12.52 20.26
N LEU A 596 -16.55 13.16 21.30
CA LEU A 596 -15.19 13.66 21.29
C LEU A 596 -14.31 12.64 21.99
N ALA A 597 -13.15 12.28 21.41
CA ALA A 597 -12.30 11.23 21.94
C ALA A 597 -10.82 11.62 21.86
N PRO A 598 -10.24 12.23 22.91
CA PRO A 598 -8.80 12.41 22.99
C PRO A 598 -8.16 11.09 23.35
N TYR A 599 -6.93 10.88 22.85
CA TYR A 599 -6.18 9.69 23.20
C TYR A 599 -4.67 9.94 23.14
N VAL A 600 -3.97 8.97 23.73
CA VAL A 600 -2.52 8.86 23.67
C VAL A 600 -2.19 7.41 23.36
N SER A 601 -1.08 7.21 22.66
CA SER A 601 -0.59 5.89 22.29
C SER A 601 0.94 5.88 22.36
N TYR A 602 1.50 4.79 22.89
CA TYR A 602 2.90 4.46 22.70
C TYR A 602 2.97 3.12 21.98
N SER A 603 3.71 3.04 20.86
CA SER A 603 3.71 1.85 20.02
C SER A 603 5.10 1.60 19.46
N GLU A 604 5.41 0.32 19.19
CA GLU A 604 6.73 -0.11 18.78
C GLU A 604 6.68 -1.01 17.53
N SER A 605 7.79 -1.00 16.78
CA SER A 605 7.94 -1.80 15.59
C SER A 605 9.38 -2.25 15.42
N PHE A 606 9.58 -3.31 14.63
CA PHE A 606 10.89 -3.74 14.22
C PHE A 606 10.78 -4.22 12.77
N ASN A 607 11.93 -4.28 12.10
CA ASN A 607 12.02 -4.88 10.77
C ASN A 607 13.44 -5.39 10.58
N PRO A 608 13.67 -6.63 10.04
CA PRO A 608 15.01 -7.08 9.69
C PRO A 608 15.78 -6.02 8.91
N ASN A 609 17.08 -5.90 9.21
CA ASN A 609 17.92 -4.92 8.53
C ASN A 609 18.24 -5.40 7.11
N ALA A 610 18.01 -4.54 6.10
CA ALA A 610 18.38 -4.80 4.72
C ALA A 610 19.88 -4.78 4.50
N TYR A 611 20.69 -4.25 5.45
CA TYR A 611 22.14 -4.12 5.29
C TYR A 611 22.87 -5.11 6.16
N SER A 612 24.13 -5.38 5.76
CA SER A 612 25.05 -6.24 6.50
C SER A 612 26.36 -5.54 6.84
N ASP A 613 27.05 -6.12 7.84
CA ASP A 613 28.28 -5.58 8.42
C ASP A 613 29.45 -6.06 7.57
N ALA A 614 30.67 -5.76 8.05
CA ALA A 614 31.93 -6.32 7.55
C ALA A 614 31.77 -7.82 7.24
N SER A 615 31.47 -8.61 8.29
CA SER A 615 31.34 -10.06 8.23
C SER A 615 30.35 -10.53 7.17
N GLY A 616 29.29 -9.75 6.90
CA GLY A 616 28.21 -10.16 6.01
C GLY A 616 27.13 -10.99 6.73
N THR A 617 27.15 -11.01 8.08
CA THR A 617 25.97 -11.29 8.89
C THR A 617 25.17 -9.97 9.00
N PRO A 618 23.81 -9.94 8.76
CA PRO A 618 23.06 -8.68 8.74
C PRO A 618 23.12 -7.90 10.06
N LEU A 619 22.94 -6.59 9.97
CA LEU A 619 22.92 -5.73 11.14
C LEU A 619 21.70 -6.08 11.99
N ALA A 620 21.66 -5.53 13.20
CA ALA A 620 20.52 -5.63 14.08
C ALA A 620 19.28 -5.06 13.39
N PRO A 621 18.08 -5.67 13.57
CA PRO A 621 16.85 -5.14 12.97
C PRO A 621 16.62 -3.70 13.43
N THR A 622 16.06 -2.90 12.51
CA THR A 622 15.70 -1.53 12.82
C THR A 622 14.53 -1.58 13.78
N GLU A 623 14.32 -0.47 14.49
CA GLU A 623 13.31 -0.40 15.52
C GLU A 623 12.60 0.94 15.45
N GLY A 624 11.26 0.94 15.52
CA GLY A 624 10.44 2.13 15.56
C GLY A 624 9.76 2.29 16.91
N LYS A 625 9.68 3.53 17.40
CA LYS A 625 9.06 3.86 18.67
C LYS A 625 8.28 5.17 18.52
N GLN A 626 6.99 5.17 18.83
CA GLN A 626 6.12 6.29 18.55
C GLN A 626 5.35 6.69 19.79
N TRP A 627 5.37 7.99 20.08
CA TRP A 627 4.36 8.62 20.89
C TRP A 627 3.40 9.35 19.99
N GLU A 628 2.10 9.12 20.20
CA GLU A 628 1.03 9.67 19.40
C GLU A 628 0.00 10.25 20.34
N LEU A 629 -0.48 11.46 20.03
CA LEU A 629 -1.55 12.11 20.74
C LEU A 629 -2.60 12.44 19.71
N GLY A 630 -3.86 12.14 19.95
CA GLY A 630 -4.84 12.45 18.93
C GLY A 630 -6.16 12.88 19.53
N LEU A 631 -7.04 13.29 18.64
CA LEU A 631 -8.40 13.66 18.97
C LEU A 631 -9.27 13.25 17.80
N LYS A 632 -10.36 12.56 18.12
CA LYS A 632 -11.33 12.16 17.12
C LYS A 632 -12.66 12.76 17.55
N PHE A 633 -13.50 13.08 16.56
CA PHE A 633 -14.82 13.65 16.86
C PHE A 633 -15.83 13.23 15.83
N GLN A 634 -16.92 12.62 16.28
CA GLN A 634 -18.04 12.31 15.36
C GLN A 634 -19.31 12.73 16.09
N ALA A 635 -20.12 13.58 15.44
CA ALA A 635 -21.40 13.99 16.06
C ALA A 635 -22.39 12.87 15.80
N PRO A 636 -23.05 12.37 16.87
CA PRO A 636 -23.91 11.22 16.72
C PRO A 636 -24.89 11.35 15.58
N GLY A 637 -25.00 10.30 14.78
CA GLY A 637 -25.96 10.30 13.65
C GLY A 637 -25.38 10.99 12.44
N SER A 638 -25.11 12.30 12.54
CA SER A 638 -24.46 13.00 11.41
C SER A 638 -23.35 12.11 10.86
N ASN A 639 -23.33 11.92 9.54
CA ASN A 639 -22.37 11.02 8.94
C ASN A 639 -21.13 11.83 8.58
N SER A 640 -20.50 12.44 9.60
CA SER A 640 -19.28 13.23 9.47
C SER A 640 -18.27 12.76 10.52
N PHE A 641 -16.96 12.88 10.26
CA PHE A 641 -15.95 12.35 11.18
C PHE A 641 -14.64 13.11 10.98
N TYR A 642 -14.03 13.59 12.09
CA TYR A 642 -12.88 14.48 12.05
C TYR A 642 -11.79 13.96 12.97
N THR A 643 -10.51 13.96 12.54
CA THR A 643 -9.43 13.51 13.40
C THR A 643 -8.22 14.43 13.24
N ALA A 644 -7.52 14.63 14.35
CA ALA A 644 -6.20 15.20 14.37
C ALA A 644 -5.28 14.18 15.02
N SER A 645 -4.07 14.02 14.47
CA SER A 645 -3.09 13.12 15.04
C SER A 645 -1.75 13.85 15.08
N LEU A 646 -1.09 13.80 16.24
CA LEU A 646 0.26 14.32 16.41
C LEU A 646 1.16 13.14 16.71
N PHE A 647 2.33 13.08 16.07
CA PHE A 647 3.18 11.90 16.18
C PHE A 647 4.64 12.28 16.31
N HIS A 648 5.37 11.41 17.01
CA HIS A 648 6.80 11.50 17.13
C HIS A 648 7.32 10.08 17.04
N ILE A 649 7.96 9.76 15.90
CA ILE A 649 8.52 8.45 15.62
C ILE A 649 10.05 8.54 15.58
N THR A 650 10.72 7.66 16.31
CA THR A 650 12.15 7.43 16.23
C THR A 650 12.37 6.06 15.61
N GLN A 651 13.24 5.98 14.59
CA GLN A 651 13.69 4.71 14.05
C GLN A 651 15.16 4.56 14.39
N GLU A 652 15.55 3.45 15.06
CA GLU A 652 16.94 3.20 15.46
C GLU A 652 17.55 1.99 14.73
N ASN A 653 18.87 1.87 14.84
CA ASN A 653 19.74 0.87 14.23
C ASN A 653 19.71 0.92 12.70
N VAL A 654 19.52 2.11 12.15
CA VAL A 654 19.55 2.31 10.72
C VAL A 654 21.01 2.20 10.26
N ALA A 655 21.22 1.57 9.10
CA ALA A 655 22.55 1.35 8.52
C ALA A 655 23.20 2.67 8.16
N SER A 656 24.48 2.83 8.51
CA SER A 656 25.18 4.07 8.26
C SER A 656 26.68 3.77 8.16
N LYS A 657 27.39 4.55 7.32
CA LYS A 657 28.84 4.47 7.18
C LYS A 657 29.43 5.81 6.76
N GLU A 658 30.74 6.03 7.05
CA GLU A 658 31.53 7.07 6.39
C GLU A 658 31.59 6.75 4.89
N PRO A 659 31.65 7.74 3.96
CA PRO A 659 31.46 7.43 2.52
C PRO A 659 32.63 6.68 1.87
N GLN A 660 33.85 7.07 2.24
CA GLN A 660 35.07 6.27 2.11
C GLN A 660 34.95 4.87 2.73
N ASP A 661 34.30 4.72 3.91
CA ASP A 661 34.15 3.45 4.62
C ASP A 661 33.56 2.29 3.82
N ASN A 662 33.97 1.08 4.20
CA ASN A 662 33.45 -0.20 3.69
C ASN A 662 32.20 -0.78 4.46
N PHE A 663 32.46 -1.24 5.69
CA PHE A 663 31.39 -1.50 6.65
C PHE A 663 30.25 -0.49 6.89
N TYR A 664 28.98 -0.97 6.79
CA TYR A 664 27.86 -0.33 7.46
C TYR A 664 27.84 -0.74 8.93
N THR A 665 27.49 0.24 9.79
CA THR A 665 27.15 -0.03 11.18
C THR A 665 25.74 0.49 11.45
N SER A 666 25.10 -0.07 12.50
CA SER A 666 23.70 0.18 12.83
C SER A 666 23.61 1.28 13.90
N VAL A 667 24.19 2.43 13.58
CA VAL A 667 24.30 3.58 14.46
C VAL A 667 23.41 4.72 13.96
N GLY A 668 22.83 4.60 12.76
CA GLY A 668 21.94 5.61 12.23
C GLY A 668 20.65 5.73 13.05
N GLU A 669 20.01 6.90 12.94
CA GLU A 669 18.72 7.16 13.53
C GLU A 669 17.95 8.16 12.66
N VAL A 670 16.63 7.98 12.61
CA VAL A 670 15.72 8.81 11.85
C VAL A 670 14.60 9.21 12.79
N ARG A 671 14.19 10.48 12.73
CA ARG A 671 13.05 10.96 13.54
C ARG A 671 12.01 11.62 12.63
N SER A 672 10.76 11.19 12.73
CA SER A 672 9.64 11.75 11.99
C SER A 672 8.60 12.23 12.98
N GLN A 673 8.21 13.49 12.85
CA GLN A 673 7.26 14.11 13.74
C GLN A 673 6.35 14.97 12.91
N GLY A 674 5.09 15.07 13.33
CA GLY A 674 4.18 15.90 12.58
C GLY A 674 2.73 15.82 13.04
N LEU A 675 1.86 16.15 12.09
CA LEU A 675 0.46 16.42 12.33
C LEU A 675 -0.30 15.91 11.12
N GLU A 676 -1.39 15.18 11.38
CA GLU A 676 -2.31 14.86 10.33
C GLU A 676 -3.72 15.28 10.71
N LEU A 677 -4.46 15.81 9.73
CA LEU A 677 -5.84 16.22 9.88
C LEU A 677 -6.65 15.57 8.79
N GLU A 678 -7.79 14.99 9.16
CA GLU A 678 -8.61 14.26 8.21
C GLU A 678 -10.05 14.61 8.53
N ALA A 679 -10.83 14.88 7.48
CA ALA A 679 -12.20 15.31 7.64
C ALA A 679 -13.03 14.56 6.61
N HIS A 680 -14.09 13.90 7.07
CA HIS A 680 -15.16 13.40 6.24
C HIS A 680 -16.41 14.16 6.62
N THR A 681 -17.01 14.88 5.66
CA THR A 681 -18.22 15.66 5.91
C THR A 681 -19.26 15.19 4.91
N GLN A 682 -20.40 14.69 5.41
CA GLN A 682 -21.52 14.37 4.56
C GLN A 682 -22.64 15.32 4.93
N LEU A 683 -22.71 16.46 4.23
CA LEU A 683 -23.86 17.36 4.21
C LEU A 683 -24.91 16.83 3.21
N SER A 684 -25.94 17.65 2.99
CA SER A 684 -26.98 17.40 1.96
C SER A 684 -27.54 16.00 1.83
N ASP A 685 -26.80 14.94 2.15
CA ASP A 685 -27.27 13.57 1.86
C ASP A 685 -27.12 13.43 0.35
N ASN A 686 -26.70 14.51 -0.30
CA ASN A 686 -26.46 14.50 -1.76
C ASN A 686 -25.04 15.08 -1.96
N LEU A 687 -24.34 15.36 -0.87
CA LEU A 687 -23.03 15.98 -0.96
C LEU A 687 -22.06 15.31 0.04
N LYS A 688 -20.93 14.80 -0.48
CA LYS A 688 -19.91 14.11 0.29
C LYS A 688 -18.57 14.83 0.12
N LEU A 689 -17.86 15.13 1.22
CA LEU A 689 -16.54 15.77 1.24
C LEU A 689 -15.53 14.93 2.01
N LEU A 690 -14.26 14.96 1.55
CA LEU A 690 -13.06 14.49 2.24
C LEU A 690 -12.06 15.63 2.18
N GLY A 691 -11.40 15.94 3.30
CA GLY A 691 -10.25 16.83 3.29
C GLY A 691 -9.15 16.28 4.18
N SER A 692 -7.89 16.58 3.83
CA SER A 692 -6.75 16.17 4.61
C SER A 692 -5.66 17.22 4.57
N TYR A 693 -4.89 17.29 5.66
CA TYR A 693 -3.68 18.07 5.71
C TYR A 693 -2.64 17.24 6.44
N THR A 694 -1.40 17.24 5.92
CA THR A 694 -0.28 16.55 6.54
C THR A 694 0.92 17.48 6.67
N TYR A 695 1.46 17.53 7.89
CA TYR A 695 2.75 18.15 8.15
C TYR A 695 3.72 17.08 8.62
N THR A 696 4.87 16.95 7.95
CA THR A 696 5.85 15.93 8.28
C THR A 696 7.23 16.56 8.36
N ASP A 697 7.86 16.44 9.53
CA ASP A 697 9.21 16.89 9.75
C ASP A 697 10.03 15.65 10.00
N ILE A 698 10.76 15.18 8.98
CA ILE A 698 11.57 13.98 9.12
C ILE A 698 13.04 14.32 8.86
N THR A 699 13.94 13.76 9.69
CA THR A 699 15.36 14.12 9.70
C THR A 699 16.21 12.89 10.03
N TYR A 700 17.38 12.80 9.39
CA TYR A 700 18.44 11.92 9.89
C TYR A 700 19.06 12.58 11.12
N THR A 701 18.73 12.09 12.30
CA THR A 701 19.22 12.69 13.53
C THR A 701 20.63 12.20 13.86
N LYS A 702 20.96 10.97 13.43
CA LYS A 702 22.29 10.41 13.59
C LYS A 702 22.66 9.76 12.27
N SER A 703 23.76 10.22 11.68
CA SER A 703 24.30 9.67 10.46
C SER A 703 25.84 9.81 10.45
N LEU A 704 26.55 8.80 9.94
CA LEU A 704 27.99 8.85 9.79
C LEU A 704 28.40 9.43 8.43
N ASP A 705 27.47 9.56 7.47
CA ASP A 705 27.79 9.75 6.06
C ASP A 705 27.83 11.24 5.65
N GLY A 706 27.77 12.20 6.59
CA GLY A 706 27.70 13.62 6.27
C GLY A 706 26.28 14.17 6.08
N ASN A 707 25.23 13.35 6.18
CA ASN A 707 23.85 13.81 6.00
C ASN A 707 23.12 13.98 7.32
N GLN A 708 23.83 13.94 8.46
CA GLN A 708 23.21 14.17 9.74
C GLN A 708 22.54 15.55 9.74
N GLY A 709 21.30 15.59 10.21
CA GLY A 709 20.49 16.79 10.18
C GLY A 709 19.78 17.05 8.85
N HIS A 710 20.06 16.28 7.77
CA HIS A 710 19.33 16.46 6.51
C HIS A 710 17.96 15.82 6.60
N THR A 711 17.12 16.18 5.63
CA THR A 711 15.77 15.67 5.44
C THR A 711 15.86 14.59 4.37
N PRO A 712 15.35 13.36 4.62
CA PRO A 712 15.17 12.38 3.55
C PRO A 712 14.52 12.96 2.30
N ASN A 713 14.98 12.47 1.16
CA ASN A 713 14.28 12.73 -0.09
C ASN A 713 12.94 12.01 -0.10
N GLN A 714 12.03 12.42 -0.99
CA GLN A 714 10.70 11.83 -1.14
C GLN A 714 9.85 12.01 0.12
N ALA A 715 10.05 13.13 0.85
CA ALA A 715 9.37 13.38 2.11
C ALA A 715 8.88 14.80 2.13
N PRO A 716 7.70 15.10 1.52
CA PRO A 716 7.13 16.43 1.57
C PRO A 716 6.87 16.85 3.02
N LYS A 717 7.25 18.08 3.33
CA LYS A 717 6.86 18.68 4.59
C LYS A 717 5.34 18.91 4.69
N HIS A 718 4.70 19.29 3.57
CA HIS A 718 3.32 19.74 3.53
C HIS A 718 2.61 19.01 2.41
N MET A 719 1.46 18.42 2.74
CA MET A 719 0.55 17.91 1.74
C MET A 719 -0.87 18.23 2.18
N ALA A 720 -1.78 18.31 1.21
CA ALA A 720 -3.19 18.53 1.48
C ALA A 720 -4.00 18.01 0.33
N SER A 721 -5.26 17.72 0.62
CA SER A 721 -6.16 17.22 -0.40
C SER A 721 -7.59 17.56 -0.04
N LEU A 722 -8.47 17.55 -1.05
CA LEU A 722 -9.87 17.88 -0.90
C LEU A 722 -10.62 17.20 -2.04
N TRP A 723 -11.69 16.47 -1.74
CA TRP A 723 -12.49 15.84 -2.78
C TRP A 723 -13.94 16.03 -2.40
N ALA A 724 -14.79 16.24 -3.41
CA ALA A 724 -16.23 16.46 -3.20
C ALA A 724 -17.01 15.75 -4.28
N ASP A 725 -18.18 15.20 -3.94
CA ASP A 725 -19.06 14.58 -4.92
C ASP A 725 -20.51 15.02 -4.67
N TYR A 726 -21.20 15.51 -5.70
CA TYR A 726 -22.59 15.91 -5.61
C TYR A 726 -23.51 14.99 -6.43
N ALA A 727 -24.56 14.44 -5.81
CA ALA A 727 -25.56 13.63 -6.50
C ALA A 727 -26.89 14.36 -6.50
N PHE A 728 -27.53 14.55 -7.66
CA PHE A 728 -28.91 15.01 -7.72
C PHE A 728 -29.82 13.81 -7.50
N ASP A 729 -30.52 13.84 -6.36
CA ASP A 729 -31.80 13.18 -6.22
C ASP A 729 -32.86 14.09 -6.83
N ALA A 730 -32.77 15.40 -6.53
CA ALA A 730 -33.82 16.37 -6.85
C ALA A 730 -33.84 16.70 -8.35
N GLY A 731 -35.07 16.88 -8.90
CA GLY A 731 -35.28 17.59 -10.15
C GLY A 731 -35.30 16.69 -11.39
N PRO A 732 -35.33 17.28 -12.62
CA PRO A 732 -35.01 16.56 -13.86
C PRO A 732 -33.74 15.71 -13.93
N LEU A 733 -32.72 16.14 -13.18
CA LEU A 733 -31.37 15.60 -13.24
C LEU A 733 -31.14 14.39 -12.33
N SER A 734 -32.17 13.88 -11.64
CA SER A 734 -32.07 12.70 -10.78
C SER A 734 -31.31 11.57 -11.49
N GLY A 735 -30.31 11.00 -10.81
CA GLY A 735 -29.40 10.01 -11.38
C GLY A 735 -28.03 10.56 -11.76
N LEU A 736 -27.91 11.89 -11.87
CA LEU A 736 -26.65 12.53 -12.25
C LEU A 736 -25.79 12.76 -11.02
N SER A 737 -24.48 12.61 -11.17
CA SER A 737 -23.56 12.97 -10.11
C SER A 737 -22.32 13.65 -10.70
N ILE A 738 -21.81 14.65 -10.00
CA ILE A 738 -20.65 15.39 -10.46
C ILE A 738 -19.72 15.48 -9.27
N GLY A 739 -18.42 15.36 -9.55
CA GLY A 739 -17.46 15.36 -8.47
C GLY A 739 -16.07 15.78 -8.92
N GLY A 740 -15.21 16.06 -7.93
CA GLY A 740 -13.82 16.33 -8.24
C GLY A 740 -13.02 16.72 -7.01
N GLY A 741 -11.73 16.95 -7.22
CA GLY A 741 -10.88 17.36 -6.12
C GLY A 741 -9.53 17.88 -6.58
N ALA A 742 -8.76 18.27 -5.57
CA ALA A 742 -7.42 18.75 -5.77
C ALA A 742 -6.48 18.13 -4.73
N ARG A 743 -5.26 17.83 -5.17
CA ARG A 743 -4.22 17.27 -4.32
C ARG A 743 -2.99 18.17 -4.40
N TYR A 744 -2.45 18.51 -3.23
CA TYR A 744 -1.25 19.32 -3.13
C TYR A 744 -0.13 18.46 -2.51
N VAL A 745 1.03 18.47 -3.17
CA VAL A 745 2.27 17.97 -2.61
C VAL A 745 3.28 19.11 -2.53
N GLY A 746 3.82 19.35 -1.33
CA GLY A 746 4.86 20.34 -1.14
C GLY A 746 6.17 19.94 -1.79
N GLU A 747 7.14 20.83 -1.67
CA GLU A 747 8.46 20.59 -2.23
C GLU A 747 9.11 19.42 -1.53
N THR A 748 9.94 18.74 -2.30
CA THR A 748 10.69 17.60 -1.85
C THR A 748 12.16 17.82 -2.20
N TRP A 749 13.06 17.26 -1.39
CA TRP A 749 14.45 17.12 -1.81
C TRP A 749 14.57 16.04 -2.89
N ALA A 750 15.35 16.29 -3.95
CA ALA A 750 15.68 15.26 -4.92
C ALA A 750 16.73 14.24 -4.40
N ASP A 751 17.51 14.58 -3.36
CA ASP A 751 18.60 13.74 -2.87
C ASP A 751 18.78 13.87 -1.37
N LYS A 752 19.41 12.85 -0.76
CA LYS A 752 19.72 12.82 0.67
C LYS A 752 20.77 13.85 1.07
N GLU A 753 21.59 14.29 0.11
CA GLU A 753 22.59 15.32 0.32
C GLU A 753 21.92 16.69 0.42
N ASN A 754 20.64 16.81 -0.02
CA ASN A 754 19.85 18.03 0.11
C ASN A 754 20.51 19.14 -0.70
N THR A 755 20.73 18.92 -2.02
CA THR A 755 21.35 19.91 -2.90
C THR A 755 20.38 20.43 -3.95
N LEU A 756 19.18 19.84 -4.08
CA LEU A 756 18.26 20.21 -5.14
C LEU A 756 16.83 19.85 -4.75
N ARG A 757 15.88 20.75 -5.08
CA ARG A 757 14.48 20.59 -4.77
C ARG A 757 13.70 20.07 -5.97
N VAL A 758 12.74 19.19 -5.71
CA VAL A 758 11.64 18.89 -6.62
C VAL A 758 10.57 19.93 -6.33
N PRO A 759 10.12 20.79 -7.29
CA PRO A 759 9.04 21.74 -7.00
C PRO A 759 7.76 21.09 -6.47
N ASP A 760 6.95 21.87 -5.74
CA ASP A 760 5.62 21.46 -5.33
C ASP A 760 4.69 21.33 -6.55
N TYR A 761 3.53 20.72 -6.36
CA TYR A 761 2.56 20.62 -7.43
C TYR A 761 1.15 20.46 -6.86
N THR A 762 0.18 21.03 -7.58
CA THR A 762 -1.23 20.84 -7.32
C THR A 762 -1.83 20.12 -8.52
N LEU A 763 -2.58 19.04 -8.28
CA LEU A 763 -3.23 18.27 -9.32
C LEU A 763 -4.72 18.34 -9.10
N VAL A 764 -5.45 18.23 -10.21
CA VAL A 764 -6.90 18.33 -10.19
C VAL A 764 -7.47 17.02 -10.75
N ASP A 765 -8.54 16.51 -10.12
CA ASP A 765 -9.30 15.36 -10.60
C ASP A 765 -10.76 15.76 -10.81
N ALA A 766 -11.49 15.06 -11.68
CA ALA A 766 -12.91 15.31 -11.87
C ALA A 766 -13.65 14.04 -12.28
N ARG A 767 -14.97 14.03 -12.04
CA ARG A 767 -15.83 12.93 -12.46
C ARG A 767 -17.23 13.42 -12.79
N ILE A 768 -17.93 12.59 -13.56
CA ILE A 768 -19.32 12.79 -13.94
C ILE A 768 -19.93 11.39 -14.02
N GLY A 769 -21.11 11.17 -13.40
CA GLY A 769 -21.78 9.88 -13.44
C GLY A 769 -23.30 10.00 -13.64
N TYR A 770 -23.90 8.99 -14.28
CA TYR A 770 -25.35 8.98 -14.49
C TYR A 770 -25.91 7.58 -14.27
N ASP A 771 -26.95 7.46 -13.41
CA ASP A 771 -27.75 6.25 -13.29
C ASP A 771 -28.88 6.24 -14.32
N LEU A 772 -28.69 5.49 -15.40
CA LEU A 772 -29.69 5.32 -16.45
C LEU A 772 -30.83 4.39 -16.06
N GLY A 773 -30.72 3.72 -14.90
CA GLY A 773 -31.88 3.29 -14.13
C GLY A 773 -32.99 4.34 -14.09
N LYS A 774 -32.61 5.55 -13.68
CA LYS A 774 -33.57 6.69 -13.62
C LYS A 774 -34.31 6.81 -14.96
N LEU A 775 -33.66 6.55 -16.10
CA LEU A 775 -34.44 6.57 -17.32
C LEU A 775 -34.86 5.16 -17.76
N GLY A 776 -35.42 4.36 -16.85
CA GLY A 776 -36.19 3.15 -17.15
C GLY A 776 -35.38 1.99 -17.76
N LEU A 777 -34.21 1.65 -17.17
CA LEU A 777 -33.39 0.50 -17.58
C LEU A 777 -32.34 0.22 -16.52
N LYS A 778 -32.70 -0.69 -15.59
CA LYS A 778 -32.18 -0.66 -14.24
C LYS A 778 -30.89 -1.47 -14.14
N GLY A 779 -30.08 -1.06 -13.16
CA GLY A 779 -28.75 -1.59 -12.95
C GLY A 779 -27.69 -1.03 -13.90
N LEU A 780 -28.03 -0.06 -14.78
CA LEU A 780 -27.11 0.42 -15.78
C LEU A 780 -26.75 1.86 -15.44
N ASP A 781 -25.44 2.13 -15.38
CA ASP A 781 -24.93 3.48 -15.05
C ASP A 781 -23.58 3.66 -15.73
N VAL A 782 -23.18 4.91 -15.96
CA VAL A 782 -21.94 5.21 -16.65
C VAL A 782 -21.21 6.30 -15.87
N SER A 783 -19.89 6.36 -16.04
CA SER A 783 -19.09 7.41 -15.43
C SER A 783 -17.97 7.87 -16.36
N LEU A 784 -17.55 9.11 -16.18
CA LEU A 784 -16.40 9.65 -16.85
C LEU A 784 -15.48 10.18 -15.75
N ASN A 785 -14.20 9.87 -15.85
CA ASN A 785 -13.21 10.37 -14.91
C ASN A 785 -12.04 10.97 -15.68
N ALA A 786 -11.46 12.05 -15.14
CA ALA A 786 -10.16 12.54 -15.54
C ALA A 786 -9.34 12.81 -14.29
N ASN A 787 -8.21 12.11 -14.13
CA ASN A 787 -7.25 12.46 -13.07
C ASN A 787 -6.14 13.28 -13.73
N ASN A 788 -5.55 14.23 -12.98
CA ASN A 788 -4.63 15.23 -13.52
C ASN A 788 -5.27 15.93 -14.72
N LEU A 789 -6.42 16.55 -14.45
CA LEU A 789 -7.27 17.18 -15.45
C LEU A 789 -6.58 18.32 -16.21
N LEU A 790 -5.71 19.08 -15.54
CA LEU A 790 -4.92 20.11 -16.20
C LEU A 790 -3.67 19.56 -16.89
N ASP A 791 -3.48 18.23 -16.90
CA ASP A 791 -2.42 17.55 -17.61
C ASP A 791 -1.06 18.13 -17.26
N LYS A 792 -0.84 18.43 -15.97
CA LYS A 792 0.43 18.97 -15.52
C LYS A 792 1.56 17.98 -15.87
N ASP A 793 2.66 18.52 -16.39
CA ASP A 793 3.83 17.77 -16.80
C ASP A 793 4.89 18.09 -15.76
N TYR A 794 5.19 17.13 -14.88
CA TYR A 794 5.94 17.42 -13.67
C TYR A 794 6.72 16.18 -13.25
N VAL A 795 7.74 16.43 -12.42
CA VAL A 795 8.48 15.38 -11.75
C VAL A 795 7.82 15.14 -10.40
N ALA A 796 7.40 13.89 -10.16
CA ALA A 796 6.71 13.52 -8.92
C ALA A 796 7.64 13.46 -7.71
N SER A 797 8.83 12.88 -7.89
CA SER A 797 9.86 12.79 -6.85
C SER A 797 11.14 12.29 -7.49
N CYS A 798 12.22 12.24 -6.69
CA CYS A 798 13.46 11.59 -7.11
C CYS A 798 13.99 10.72 -5.99
N TYR A 799 14.52 9.56 -6.38
CA TYR A 799 15.27 8.68 -5.50
C TYR A 799 16.67 9.23 -5.24
N SER A 800 17.30 9.81 -6.26
CA SER A 800 18.59 10.48 -6.16
C SER A 800 18.69 11.47 -7.33
N LEU A 801 19.86 12.11 -7.50
CA LEU A 801 20.11 12.97 -8.65
C LEU A 801 20.06 12.23 -9.99
N ASP A 802 20.33 10.92 -9.98
CA ASP A 802 20.30 10.06 -11.17
C ASP A 802 18.93 9.53 -11.53
N PHE A 803 17.99 9.47 -10.58
CA PHE A 803 16.71 8.82 -10.84
C PHE A 803 15.56 9.70 -10.38
N CYS A 804 14.89 10.31 -11.37
CA CYS A 804 13.73 11.15 -11.15
C CYS A 804 12.61 10.57 -12.00
N TYR A 805 11.38 10.76 -11.50
CA TYR A 805 10.20 10.08 -12.01
C TYR A 805 9.14 11.10 -12.40
N PHE A 806 8.55 10.94 -13.59
CA PHE A 806 7.45 11.81 -14.00
C PHE A 806 6.16 11.36 -13.35
N GLY A 807 5.31 12.34 -13.02
CA GLY A 807 3.93 12.06 -12.66
C GLY A 807 3.10 11.62 -13.87
N GLU A 808 1.99 10.90 -13.60
CA GLU A 808 1.08 10.46 -14.63
C GLU A 808 0.50 11.69 -15.35
N LYS A 809 0.45 11.65 -16.68
CA LYS A 809 -0.22 12.70 -17.42
C LYS A 809 -1.73 12.52 -17.27
N ARG A 810 -2.50 13.43 -17.88
CA ARG A 810 -3.94 13.35 -17.79
C ARG A 810 -4.38 11.92 -18.11
N ASN A 811 -5.21 11.33 -17.23
CA ASN A 811 -5.76 10.00 -17.45
C ASN A 811 -7.28 10.11 -17.46
N VAL A 812 -7.88 9.84 -18.64
CA VAL A 812 -9.31 9.95 -18.85
C VAL A 812 -9.87 8.55 -19.02
N THR A 813 -10.93 8.20 -18.27
CA THR A 813 -11.58 6.89 -18.40
C THR A 813 -13.10 7.05 -18.45
N ALA A 814 -13.72 6.16 -19.22
CA ALA A 814 -15.17 6.06 -19.37
C ALA A 814 -15.57 4.66 -18.94
N THR A 815 -16.53 4.56 -18.01
CA THR A 815 -16.90 3.27 -17.45
C THR A 815 -18.41 3.03 -17.60
N VAL A 816 -18.76 1.76 -17.86
CA VAL A 816 -20.14 1.31 -17.89
C VAL A 816 -20.26 0.15 -16.91
N ASN A 817 -21.23 0.24 -16.00
CA ASN A 817 -21.51 -0.83 -15.05
C ASN A 817 -22.93 -1.34 -15.28
N TYR A 818 -23.06 -2.68 -15.40
CA TYR A 818 -24.33 -3.33 -15.60
C TYR A 818 -24.55 -4.33 -14.47
N GLN A 819 -25.56 -4.07 -13.63
CA GLN A 819 -26.02 -5.00 -12.62
C GLN A 819 -27.17 -5.88 -13.11
N PHE A 820 -27.31 -7.06 -12.46
CA PHE A 820 -28.58 -7.76 -12.34
C PHE A 820 -28.45 -8.81 -11.21
#